data_5DL0
#
_entry.id   5DL0
#
_cell.length_a   189.720
_cell.length_b   189.720
_cell.length_c   158.345
_cell.angle_alpha   90.00
_cell.angle_beta   90.00
_cell.angle_gamma   120.00
#
_symmetry.space_group_name_H-M   'H 3 2'
#
loop_
_entity.id
_entity.type
_entity.pdbx_description
1 polymer 'Alpha glucosidase-like protein'
2 branched alpha-D-glucopyranose-(1-3)-alpha-D-mannopyranose
3 water water
#
_entity_poly.entity_id   1
_entity_poly.type   'polypeptide(L)'
_entity_poly.pdbx_seq_one_letter_code
;GSEFVKEHDWKKCDQSGFCRRNRAYADHALSAISWESPYKIAPETGSFKDGQYQAIILKTINDHGETVRLPLTVSFLESG
TARVTIDEEKRQKGEIELRHDSKARKERYNEAEQWVIVGGMTLDKGAKVDYEDKTQMTVKYGPSSKFEATIKFAPFSIDF
KRDGASHIKFNDQGLLNIEHWRPKIDPPPEPEKKEGEQQPDKKEEAPREDDSTWWEESFGGNTDSKPRGPESVGLDISFV
GYEHVFGIPSHASPLSLKQTRGGEGNYNEPYRMYNADVFEYILDSPMTLYGSIPFMQAHRKDSSVGIFWLNAAETWVDIT
KGKDSKNPLALGVKSKITTRTHWFSESGLLDVFVFLGPTPKDIISKYAELTGTTAMPQEFSLGYHQCRWNYVSDEDVKDV
DRKMDKFNMPYDVIWLDIEYTDEKKYFTWDKHSFKDPIGMGKQLEAHGRKLVTIIDPHIKNTNNYPVVDELKSKDLAVKT
KDGSIFEGWCWPGSSHWIDAFNPAAREWWKGLFKYDKFKGTMENTFIWNAMNEPSVFNGPEVTMPKDNLHHGNWEHRDVH
NLNGMTFQNATYHALLSRKPGEHRRPFVLTRAFFAGSQRLGAMWTGDNTADWGYLKASIPMVLSQGIAGFPFAGADVGGF
FGNPDKDLLTRWYQTGIFYPFFRAHAHIDARRREPYLTGEPYNTIIAAALRLRYSLLPSWYTAFRHAHLDGTPIIKPMFY
THPSEEAGLPIDDQFFIGNTGLLAKPVTDKDRTSVDIWIPDSEVYYDYFTYDIISAAKSKTATLDAPLEKIPLLMRGGHV
FARRDIPRRSSALMKWDPYTLVVVLGNDRKAEGDLYVDDGDSFDYEKGQYIHRRFIFDANTLTSADYEGRDDASIKEGEW
LKKMRTVNVEKIIVVGAPAAWKGKKTVTVESEGKTWAAAIEYNPAEKSRAAFAVVKKVGVRVGADFKIVFG
;
_entity_poly.pdbx_strand_id   A
#
loop_
_chem_comp.id
_chem_comp.type
_chem_comp.name
_chem_comp.formula
GLC D-saccharide, alpha linking alpha-D-glucopyranose 'C6 H12 O6'
MAN D-saccharide, alpha linking alpha-D-mannopyranose 'C6 H12 O6'
#
# COMPACT_ATOMS: atom_id res chain seq x y z
N GLU A 7 -6.81 -13.66 25.94
CA GLU A 7 -7.96 -13.62 24.97
C GLU A 7 -8.48 -12.21 24.74
N HIS A 8 -8.69 -11.90 23.47
CA HIS A 8 -8.55 -10.53 22.97
C HIS A 8 -9.96 -10.00 22.76
N ASP A 9 -10.24 -8.82 23.30
CA ASP A 9 -11.53 -8.19 23.13
C ASP A 9 -11.44 -7.00 22.22
N TRP A 10 -12.36 -6.92 21.27
CA TRP A 10 -12.35 -5.91 20.23
C TRP A 10 -13.68 -5.17 20.33
N LYS A 11 -13.63 -3.85 20.28
CA LYS A 11 -14.88 -3.14 20.20
C LYS A 11 -15.63 -3.55 18.93
N LYS A 12 -16.87 -3.98 19.10
CA LYS A 12 -17.89 -3.87 18.05
C LYS A 12 -18.39 -2.48 17.97
N CYS A 13 -19.06 -2.17 16.88
CA CYS A 13 -19.57 -0.82 16.65
C CYS A 13 -20.34 -0.33 17.84
N ASP A 14 -21.25 -1.17 18.36
CA ASP A 14 -22.10 -0.77 19.51
C ASP A 14 -21.33 -0.41 20.80
N GLN A 15 -20.09 -0.88 20.88
CA GLN A 15 -19.24 -0.69 22.03
C GLN A 15 -18.34 0.52 21.84
N SER A 16 -18.27 1.05 20.63
CA SER A 16 -17.57 2.30 20.41
C SER A 16 -18.64 3.38 20.38
N GLY A 17 -18.52 4.31 21.32
CA GLY A 17 -19.51 5.32 21.54
C GLY A 17 -19.85 6.09 20.29
N PHE A 18 -18.85 6.66 19.65
CA PHE A 18 -19.09 7.50 18.51
C PHE A 18 -19.53 6.68 17.28
N CYS A 19 -19.18 5.39 17.24
CA CYS A 19 -19.76 4.51 16.24
C CYS A 19 -21.24 4.29 16.46
N ARG A 20 -21.63 4.01 17.68
CA ARG A 20 -23.04 3.85 17.98
C ARG A 20 -23.84 5.10 17.61
N ARG A 21 -23.31 6.28 17.91
CA ARG A 21 -24.07 7.51 17.68
C ARG A 21 -24.18 7.79 16.20
N ASN A 22 -23.16 7.52 15.41
CA ASN A 22 -23.29 7.74 13.98
C ASN A 22 -24.15 6.70 13.29
N ARG A 23 -24.00 5.45 13.65
CA ARG A 23 -24.94 4.46 13.16
C ARG A 23 -26.39 4.80 13.54
N ALA A 24 -26.61 5.34 14.76
CA ALA A 24 -27.99 5.72 15.19
C ALA A 24 -28.53 6.97 14.47
N TYR A 25 -27.64 7.92 14.17
CA TYR A 25 -27.94 9.06 13.34
C TYR A 25 -28.35 8.62 11.93
N ALA A 26 -27.63 7.64 11.39
CA ALA A 26 -28.00 7.05 10.11
C ALA A 26 -29.33 6.34 10.20
N ASP A 27 -29.53 5.47 11.18
CA ASP A 27 -30.85 4.79 11.32
C ASP A 27 -32.03 5.76 11.37
N HIS A 28 -31.90 6.84 12.15
CA HIS A 28 -32.97 7.83 12.29
C HIS A 28 -33.25 8.50 10.94
N ALA A 29 -32.18 8.90 10.25
CA ALA A 29 -32.34 9.67 9.01
C ALA A 29 -32.98 8.85 7.90
N LEU A 30 -32.57 7.58 7.77
CA LEU A 30 -33.07 6.72 6.70
C LEU A 30 -34.46 6.21 7.03
N SER A 31 -34.89 6.32 8.29
CA SER A 31 -36.24 5.88 8.68
C SER A 31 -37.24 7.04 8.79
N ALA A 32 -36.75 8.23 9.13
CA ALA A 32 -37.55 9.45 9.18
C ALA A 32 -38.08 9.91 7.83
N ILE A 33 -39.25 10.53 7.90
CA ILE A 33 -39.98 10.98 6.73
C ILE A 33 -39.51 12.38 6.42
N SER A 34 -38.98 12.56 5.21
CA SER A 34 -38.44 13.85 4.77
C SER A 34 -37.45 14.40 5.81
N TRP A 35 -36.55 13.53 6.28
CA TRP A 35 -35.32 13.99 6.89
C TRP A 35 -34.68 15.10 6.05
N GLU A 36 -34.34 16.21 6.70
CA GLU A 36 -33.41 17.21 6.16
C GLU A 36 -32.24 17.37 7.12
N SER A 37 -31.03 17.30 6.57
CA SER A 37 -29.80 17.55 7.31
C SER A 37 -29.91 18.93 7.88
N PRO A 38 -29.70 19.08 9.19
CA PRO A 38 -29.86 20.40 9.83
C PRO A 38 -28.67 21.31 9.61
N TYR A 39 -28.15 21.37 8.40
CA TYR A 39 -26.91 22.11 8.09
C TYR A 39 -27.17 22.88 6.81
N LYS A 40 -26.78 24.15 6.79
CA LYS A 40 -27.11 25.09 5.70
C LYS A 40 -25.94 26.00 5.56
N ILE A 41 -25.54 26.30 4.34
CA ILE A 41 -24.62 27.40 4.12
C ILE A 41 -25.38 28.73 4.19
N ALA A 42 -24.86 29.62 5.04
CA ALA A 42 -25.22 31.04 5.04
C ALA A 42 -24.73 31.71 3.77
N PRO A 43 -25.61 31.86 2.78
CA PRO A 43 -25.03 32.17 1.47
C PRO A 43 -24.22 33.49 1.43
N GLU A 44 -24.68 34.51 2.13
CA GLU A 44 -23.96 35.79 2.23
C GLU A 44 -22.56 35.73 2.86
N THR A 45 -22.27 34.66 3.61
CA THR A 45 -20.90 34.39 4.10
C THR A 45 -19.93 33.88 3.03
N GLY A 46 -20.46 33.54 1.86
CA GLY A 46 -19.71 32.71 0.90
C GLY A 46 -18.99 33.53 -0.14
N SER A 47 -17.69 33.33 -0.29
CA SER A 47 -16.95 33.91 -1.42
C SER A 47 -16.08 32.91 -2.21
N PHE A 48 -16.06 33.08 -3.53
CA PHE A 48 -15.14 32.37 -4.40
C PHE A 48 -13.96 33.26 -4.81
N LYS A 49 -12.73 32.83 -4.56
CA LYS A 49 -11.59 33.43 -5.22
C LYS A 49 -10.43 32.44 -5.44
N ASP A 50 -9.91 32.37 -6.66
CA ASP A 50 -8.58 31.78 -6.94
C ASP A 50 -8.55 30.28 -6.59
N GLY A 51 -9.55 29.57 -7.06
CA GLY A 51 -9.65 28.13 -6.84
C GLY A 51 -10.17 27.73 -5.48
N GLN A 52 -10.87 28.62 -4.79
CA GLN A 52 -11.32 28.33 -3.46
C GLN A 52 -12.64 29.04 -3.08
N TYR A 53 -13.64 28.25 -2.70
CA TYR A 53 -14.82 28.70 -1.96
C TYR A 53 -14.63 28.59 -0.46
N GLN A 54 -15.03 29.64 0.24
CA GLN A 54 -15.13 29.64 1.70
C GLN A 54 -16.44 30.23 2.11
N ALA A 55 -16.88 29.82 3.29
CA ALA A 55 -18.25 30.01 3.70
C ALA A 55 -18.43 29.44 5.10
N ILE A 56 -19.57 29.73 5.68
CA ILE A 56 -19.87 29.30 7.02
C ILE A 56 -21.08 28.42 6.77
N ILE A 57 -21.01 27.20 7.31
CA ILE A 57 -22.19 26.36 7.48
C ILE A 57 -22.75 26.61 8.86
N LEU A 58 -24.07 26.72 8.95
CA LEU A 58 -24.73 26.83 10.23
C LEU A 58 -25.38 25.53 10.52
N LYS A 59 -25.01 24.91 11.64
CA LYS A 59 -25.71 23.75 12.15
C LYS A 59 -26.76 24.13 13.19
N THR A 60 -28.02 23.81 12.89
CA THR A 60 -29.11 23.98 13.84
C THR A 60 -29.08 22.85 14.88
N ILE A 61 -28.87 23.19 16.16
CA ILE A 61 -28.57 22.21 17.18
C ILE A 61 -29.75 21.88 18.10
N ASN A 62 -30.91 22.51 17.91
CA ASN A 62 -32.05 22.26 18.80
C ASN A 62 -33.36 22.82 18.24
N ASP A 63 -34.44 22.47 18.92
CA ASP A 63 -35.80 22.98 18.63
C ASP A 63 -35.93 24.48 18.52
N HIS A 64 -35.15 25.22 19.30
CA HIS A 64 -35.30 26.68 19.37
C HIS A 64 -34.58 27.39 18.23
N GLY A 65 -33.98 26.65 17.30
CA GLY A 65 -33.29 27.24 16.13
C GLY A 65 -31.92 27.85 16.42
N GLU A 66 -31.32 27.49 17.55
CA GLU A 66 -29.94 27.87 17.88
C GLU A 66 -28.97 27.20 16.90
N THR A 67 -27.93 27.92 16.50
CA THR A 67 -26.98 27.47 15.49
C THR A 67 -25.58 27.53 16.06
N VAL A 68 -24.69 26.68 15.54
CA VAL A 68 -23.25 26.89 15.67
C VAL A 68 -22.64 27.03 14.28
N ARG A 69 -21.48 27.66 14.23
CA ARG A 69 -20.81 28.03 12.98
C ARG A 69 -19.68 27.06 12.63
N LEU A 70 -19.72 26.50 11.43
CA LEU A 70 -18.71 25.51 11.00
C LEU A 70 -18.14 25.95 9.67
N PRO A 71 -16.90 26.42 9.67
CA PRO A 71 -16.36 26.95 8.41
C PRO A 71 -16.05 25.86 7.39
N LEU A 72 -16.44 26.15 6.14
CA LEU A 72 -16.32 25.29 5.00
C LEU A 72 -15.28 25.90 4.06
N THR A 73 -14.44 25.02 3.53
CA THR A 73 -13.47 25.34 2.49
C THR A 73 -13.59 24.26 1.43
N VAL A 74 -13.99 24.65 0.23
CA VAL A 74 -13.90 23.81 -0.93
C VAL A 74 -12.82 24.33 -1.87
N SER A 75 -11.77 23.54 -2.05
CA SER A 75 -10.66 23.86 -2.94
C SER A 75 -10.72 23.06 -4.25
N PHE A 76 -10.36 23.72 -5.34
CA PHE A 76 -10.29 23.10 -6.63
C PHE A 76 -8.84 23.18 -7.11
N LEU A 77 -8.21 22.02 -7.21
CA LEU A 77 -6.77 21.92 -7.40
C LEU A 77 -6.48 21.80 -8.89
N GLU A 78 -5.32 22.27 -9.30
CA GLU A 78 -4.83 22.19 -10.70
C GLU A 78 -4.89 20.78 -11.30
N SER A 79 -4.60 19.77 -10.48
CA SER A 79 -4.76 18.37 -10.86
C SER A 79 -6.18 17.98 -11.31
N GLY A 80 -7.19 18.75 -10.92
CA GLY A 80 -8.57 18.37 -11.14
C GLY A 80 -9.17 17.62 -9.97
N THR A 81 -8.36 17.39 -8.95
CA THR A 81 -8.88 16.97 -7.65
C THR A 81 -9.57 18.13 -6.88
N ALA A 82 -10.67 17.85 -6.18
CA ALA A 82 -11.28 18.80 -5.24
C ALA A 82 -11.08 18.41 -3.79
N ARG A 83 -11.14 19.39 -2.89
CA ARG A 83 -11.02 19.15 -1.47
C ARG A 83 -12.09 19.89 -0.65
N VAL A 84 -12.68 19.19 0.31
CA VAL A 84 -13.72 19.74 1.14
C VAL A 84 -13.33 19.58 2.58
N THR A 85 -13.27 20.69 3.30
CA THR A 85 -12.90 20.73 4.69
C THR A 85 -14.01 21.43 5.47
N ILE A 86 -14.38 20.82 6.58
CA ILE A 86 -15.28 21.46 7.52
C ILE A 86 -14.67 21.44 8.90
N ASP A 87 -14.58 22.60 9.53
CA ASP A 87 -13.98 22.78 10.84
C ASP A 87 -15.07 23.35 11.76
N GLU A 88 -14.72 23.68 12.99
CA GLU A 88 -15.68 24.13 14.01
C GLU A 88 -15.24 25.46 14.63
N GLU A 89 -15.95 26.53 14.35
CA GLU A 89 -15.39 27.89 14.63
C GLU A 89 -15.09 28.07 16.12
N LYS A 90 -16.00 27.59 16.96
CA LYS A 90 -15.86 27.73 18.38
C LYS A 90 -14.57 27.09 18.87
N ARG A 91 -14.20 25.95 18.31
CA ARG A 91 -12.95 25.32 18.71
C ARG A 91 -11.69 25.90 18.05
N GLN A 92 -11.78 26.45 16.85
CA GLN A 92 -10.65 27.22 16.27
C GLN A 92 -10.22 28.34 17.20
N LYS A 93 -11.21 28.92 17.89
CA LYS A 93 -11.04 30.12 18.69
C LYS A 93 -10.66 29.81 20.13
N GLY A 94 -10.81 28.56 20.55
CA GLY A 94 -10.42 28.17 21.91
C GLY A 94 -11.56 28.36 22.93
N GLU A 95 -12.79 28.57 22.47
CA GLU A 95 -13.90 28.97 23.34
C GLU A 95 -14.63 27.74 23.84
N ILE A 96 -13.90 26.78 24.38
CA ILE A 96 -14.48 25.64 25.08
C ILE A 96 -13.70 25.39 26.32
N GLU A 97 -14.24 24.57 27.21
CA GLU A 97 -13.50 24.13 28.37
C GLU A 97 -13.29 22.61 28.39
N LEU A 98 -12.05 22.18 28.50
CA LEU A 98 -11.76 20.77 28.66
C LEU A 98 -12.13 20.36 30.05
N ARG A 99 -12.54 19.10 30.19
CA ARG A 99 -12.85 18.51 31.50
C ARG A 99 -11.58 18.02 32.15
N HIS A 100 -11.62 17.78 33.45
CA HIS A 100 -10.47 17.28 34.22
C HIS A 100 -9.20 18.14 34.30
N ASP A 101 -9.35 19.44 34.05
CA ASP A 101 -8.19 20.35 33.82
C ASP A 101 -7.16 19.84 32.80
N SER A 102 -7.63 19.04 31.83
CA SER A 102 -6.80 18.50 30.77
C SER A 102 -6.08 19.62 30.05
N LYS A 103 -4.82 19.40 29.69
CA LYS A 103 -4.12 20.32 28.76
C LYS A 103 -4.21 19.91 27.28
N ALA A 104 -5.13 19.02 26.95
CA ALA A 104 -5.25 18.56 25.58
C ALA A 104 -5.63 19.74 24.70
N ARG A 105 -5.22 19.74 23.44
CA ARG A 105 -5.55 20.83 22.54
C ARG A 105 -7.03 20.98 22.34
N LYS A 106 -7.50 22.21 22.21
CA LYS A 106 -8.91 22.48 22.00
C LYS A 106 -9.33 22.48 20.54
N GLU A 107 -8.41 22.90 19.66
CA GLU A 107 -8.58 22.81 18.22
C GLU A 107 -8.91 21.39 17.80
N ARG A 108 -9.64 21.31 16.71
CA ARG A 108 -9.81 20.06 16.01
C ARG A 108 -8.46 19.74 15.37
N TYR A 109 -7.99 18.51 15.57
CA TYR A 109 -6.74 18.09 14.98
C TYR A 109 -6.63 18.42 13.50
N ASN A 110 -5.56 19.14 13.19
CA ASN A 110 -5.38 19.67 11.84
C ASN A 110 -4.00 19.46 11.26
N GLU A 111 -3.20 18.54 11.83
CA GLU A 111 -1.88 18.29 11.30
C GLU A 111 -1.78 16.96 10.50
N ALA A 112 -2.91 16.35 10.17
CA ALA A 112 -2.84 15.14 9.34
C ALA A 112 -2.20 15.51 8.00
N GLU A 113 -2.63 16.64 7.43
CA GLU A 113 -2.03 17.27 6.25
C GLU A 113 -0.51 17.31 6.25
N GLN A 114 0.03 17.78 7.34
CA GLN A 114 1.45 17.95 7.52
C GLN A 114 2.16 16.60 7.47
N TRP A 115 1.52 15.57 7.96
CA TRP A 115 2.16 14.24 7.95
C TRP A 115 2.09 13.53 6.61
N VAL A 116 1.01 13.78 5.88
CA VAL A 116 0.60 12.91 4.79
C VAL A 116 0.84 13.54 3.42
N ILE A 117 0.51 14.83 3.30
CA ILE A 117 0.40 15.49 2.01
C ILE A 117 1.74 16.06 1.64
N VAL A 118 2.30 15.66 0.50
CA VAL A 118 3.61 16.13 0.08
C VAL A 118 3.58 16.89 -1.24
N GLY A 119 2.42 17.06 -1.85
CA GLY A 119 2.35 17.86 -3.06
C GLY A 119 0.96 17.88 -3.58
N GLY A 120 0.82 18.34 -4.82
CA GLY A 120 -0.45 18.44 -5.48
C GLY A 120 -1.42 19.45 -4.88
N MET A 121 -0.96 20.40 -4.07
CA MET A 121 -1.87 21.34 -3.41
C MET A 121 -2.14 22.63 -4.21
N THR A 122 -1.61 22.77 -5.41
CA THR A 122 -1.72 24.03 -6.14
C THR A 122 -3.15 24.25 -6.59
N LEU A 123 -3.68 25.42 -6.27
CA LEU A 123 -5.06 25.77 -6.61
C LEU A 123 -5.22 26.20 -8.06
N ASP A 124 -6.34 25.84 -8.67
CA ASP A 124 -6.57 26.08 -10.08
C ASP A 124 -7.24 27.45 -10.26
N LYS A 125 -6.49 28.46 -10.71
CA LYS A 125 -7.09 29.79 -10.95
C LYS A 125 -7.91 29.84 -12.21
N GLY A 126 -7.86 28.79 -13.02
CA GLY A 126 -8.85 28.59 -14.08
C GLY A 126 -10.21 28.12 -13.62
N ALA A 127 -10.35 27.78 -12.36
CA ALA A 127 -11.63 27.29 -11.86
C ALA A 127 -12.51 28.51 -11.66
N LYS A 128 -13.77 28.37 -12.02
CA LYS A 128 -14.67 29.49 -12.10
C LYS A 128 -16.10 29.14 -11.67
N VAL A 129 -16.84 30.12 -11.14
CA VAL A 129 -18.28 30.00 -10.97
C VAL A 129 -19.02 30.08 -12.29
N ASP A 130 -19.88 29.11 -12.54
CA ASP A 130 -20.66 29.07 -13.77
C ASP A 130 -22.06 29.68 -13.57
N TYR A 131 -22.69 29.26 -12.46
CA TYR A 131 -24.01 29.68 -12.05
C TYR A 131 -23.86 29.90 -10.56
N GLU A 132 -24.48 30.95 -10.05
CA GLU A 132 -24.95 30.97 -8.67
C GLU A 132 -26.12 31.91 -8.53
N ASP A 133 -27.28 31.35 -8.22
CA ASP A 133 -28.28 32.08 -7.47
C ASP A 133 -27.96 32.03 -5.96
N LYS A 134 -28.96 32.12 -5.09
CA LYS A 134 -28.69 32.02 -3.66
C LYS A 134 -29.42 30.84 -2.98
N THR A 135 -29.91 29.89 -3.78
CA THR A 135 -29.99 28.49 -3.38
C THR A 135 -28.78 27.56 -3.68
N GLN A 136 -27.83 27.98 -4.52
CA GLN A 136 -26.76 27.07 -4.95
C GLN A 136 -25.71 27.74 -5.78
N MET A 137 -24.57 27.08 -5.91
CA MET A 137 -23.57 27.49 -6.89
C MET A 137 -22.81 26.32 -7.54
N THR A 138 -22.56 26.46 -8.83
CA THR A 138 -21.85 25.47 -9.60
C THR A 138 -20.48 26.01 -9.98
N VAL A 139 -19.44 25.27 -9.62
CA VAL A 139 -18.10 25.57 -10.02
C VAL A 139 -17.63 24.58 -11.07
N LYS A 140 -17.02 25.12 -12.13
CA LYS A 140 -16.38 24.33 -13.18
C LYS A 140 -14.89 24.34 -12.94
N TYR A 141 -14.26 23.17 -13.07
CA TYR A 141 -12.83 23.04 -12.76
C TYR A 141 -12.24 21.86 -13.53
N GLY A 142 -10.96 21.55 -13.29
CA GLY A 142 -10.29 20.42 -13.94
C GLY A 142 -9.99 20.61 -15.43
N PRO A 143 -9.32 19.62 -16.06
CA PRO A 143 -9.08 19.50 -17.51
C PRO A 143 -10.11 20.16 -18.44
N SER A 144 -9.73 21.31 -19.01
CA SER A 144 -10.63 22.15 -19.82
C SER A 144 -12.04 22.26 -19.21
N SER A 145 -12.10 22.46 -17.89
CA SER A 145 -13.37 22.70 -17.20
C SER A 145 -14.38 21.59 -17.36
N LYS A 146 -13.91 20.37 -17.52
CA LYS A 146 -14.83 19.21 -17.66
C LYS A 146 -15.55 18.83 -16.35
N PHE A 147 -15.05 19.27 -15.20
CA PHE A 147 -15.58 18.83 -13.91
C PHE A 147 -16.44 19.95 -13.34
N GLU A 148 -17.53 19.59 -12.68
CA GLU A 148 -18.43 20.53 -12.01
C GLU A 148 -18.69 20.07 -10.61
N ALA A 149 -18.77 21.02 -9.68
CA ALA A 149 -19.32 20.78 -8.37
C ALA A 149 -20.44 21.77 -8.09
N THR A 150 -21.61 21.22 -7.80
CA THR A 150 -22.78 21.98 -7.48
C THR A 150 -22.91 21.91 -5.98
N ILE A 151 -22.59 23.02 -5.33
CA ILE A 151 -22.88 23.25 -3.92
C ILE A 151 -24.34 23.74 -3.74
N LYS A 152 -25.14 22.98 -3.01
CA LYS A 152 -26.46 23.37 -2.51
C LYS A 152 -26.36 23.96 -1.11
N PHE A 153 -27.06 25.06 -0.84
CA PHE A 153 -26.85 25.83 0.40
C PHE A 153 -27.72 25.30 1.52
N ALA A 154 -28.92 24.82 1.21
CA ALA A 154 -29.89 24.55 2.26
C ALA A 154 -30.84 23.49 1.78
N PRO A 155 -30.80 22.29 2.38
CA PRO A 155 -29.74 21.72 3.22
C PRO A 155 -28.43 21.61 2.42
N PHE A 156 -27.31 21.78 3.08
CA PHE A 156 -26.02 21.62 2.44
C PHE A 156 -25.91 20.28 1.71
N SER A 157 -25.43 20.31 0.47
CA SER A 157 -24.98 19.11 -0.26
C SER A 157 -24.02 19.51 -1.39
N ILE A 158 -23.20 18.56 -1.87
CA ILE A 158 -22.35 18.79 -3.07
C ILE A 158 -22.48 17.62 -4.02
N ASP A 159 -22.66 17.90 -5.30
CA ASP A 159 -22.64 16.90 -6.36
C ASP A 159 -21.44 17.17 -7.22
N PHE A 160 -20.62 16.14 -7.40
CA PHE A 160 -19.47 16.22 -8.24
C PHE A 160 -19.82 15.50 -9.52
N LYS A 161 -19.67 16.18 -10.65
CA LYS A 161 -20.20 15.74 -11.95
C LYS A 161 -19.09 15.75 -12.98
N ARG A 162 -19.23 14.91 -13.98
CA ARG A 162 -18.52 15.13 -15.23
C ARG A 162 -19.27 14.41 -16.31
N ASP A 163 -18.97 14.72 -17.57
CA ASP A 163 -19.66 14.06 -18.71
C ASP A 163 -21.21 14.10 -18.59
N GLY A 164 -21.73 15.27 -18.18
CA GLY A 164 -23.14 15.45 -17.77
C GLY A 164 -23.76 14.31 -16.97
N ALA A 165 -23.12 13.95 -15.86
CA ALA A 165 -23.79 13.14 -14.83
C ALA A 165 -23.17 13.42 -13.50
N SER A 166 -23.91 13.17 -12.45
CA SER A 166 -23.38 13.13 -11.09
C SER A 166 -22.64 11.81 -10.93
N HIS A 167 -21.43 11.87 -10.37
CA HIS A 167 -20.73 10.65 -9.96
C HIS A 167 -20.59 10.45 -8.45
N ILE A 168 -20.27 11.50 -7.72
CA ILE A 168 -20.14 11.45 -6.26
C ILE A 168 -21.04 12.54 -5.65
N LYS A 169 -21.78 12.17 -4.63
CA LYS A 169 -22.60 13.12 -3.89
C LYS A 169 -22.25 13.12 -2.42
N PHE A 170 -22.07 14.31 -1.86
CA PHE A 170 -21.92 14.46 -0.41
C PHE A 170 -23.26 14.86 0.21
N ASN A 171 -23.68 14.15 1.27
CA ASN A 171 -24.87 14.53 2.05
C ASN A 171 -26.21 14.37 1.35
N ASP A 172 -26.25 13.59 0.27
CA ASP A 172 -27.51 13.29 -0.39
C ASP A 172 -28.48 12.56 0.54
N GLN A 173 -27.98 11.74 1.45
CA GLN A 173 -28.81 11.06 2.48
C GLN A 173 -28.92 11.87 3.77
N GLY A 174 -28.19 12.97 3.87
CA GLY A 174 -28.36 13.88 5.00
C GLY A 174 -27.68 13.32 6.26
N LEU A 175 -26.58 12.58 6.08
CA LEU A 175 -25.84 12.00 7.20
C LEU A 175 -24.73 12.89 7.71
N LEU A 176 -24.53 14.04 7.13
CA LEU A 176 -23.51 14.92 7.65
C LEU A 176 -23.67 15.07 9.14
N ASN A 177 -22.59 14.87 9.87
CA ASN A 177 -22.63 14.97 11.33
C ASN A 177 -21.33 15.49 11.93
N ILE A 178 -21.34 16.73 12.41
CA ILE A 178 -20.23 17.31 13.17
C ILE A 178 -20.68 17.51 14.59
N GLU A 179 -20.13 16.73 15.50
CA GLU A 179 -20.50 16.83 16.89
C GLU A 179 -19.84 18.06 17.48
N HIS A 180 -20.63 19.13 17.58
CA HIS A 180 -20.23 20.40 18.20
C HIS A 180 -19.96 20.25 19.71
N TRP A 181 -19.05 21.06 20.20
CA TRP A 181 -18.64 20.97 21.59
C TRP A 181 -19.85 21.32 22.46
N ARG A 182 -20.06 20.56 23.51
CA ARG A 182 -21.04 20.90 24.52
C ARG A 182 -20.46 20.59 25.87
N PRO A 183 -20.90 21.33 26.91
CA PRO A 183 -20.58 21.00 28.31
C PRO A 183 -21.39 19.84 28.82
N LYS A 184 -20.89 19.21 29.87
CA LYS A 184 -21.57 18.13 30.55
C LYS A 184 -22.56 18.68 31.58
N ILE A 185 -23.84 18.64 31.23
CA ILE A 185 -24.93 19.21 32.03
C ILE A 185 -25.98 18.12 32.18
N ASP A 186 -26.67 18.08 33.32
CA ASP A 186 -27.86 17.25 33.50
C ASP A 186 -29.09 18.00 33.00
N PRO A 187 -30.18 17.29 32.66
CA PRO A 187 -31.31 18.01 32.01
C PRO A 187 -32.10 18.88 32.99
N PRO A 188 -32.74 19.96 32.51
CA PRO A 188 -33.44 20.89 33.42
C PRO A 188 -34.57 20.23 34.21
N ASP A 210 -29.83 10.72 24.04
CA ASP A 210 -29.08 9.72 24.82
C ASP A 210 -27.59 10.09 24.98
N ASP A 211 -27.22 10.58 26.17
CA ASP A 211 -25.84 11.01 26.42
C ASP A 211 -24.98 9.96 27.16
N SER A 212 -25.41 8.72 27.21
CA SER A 212 -24.67 7.72 27.99
C SER A 212 -23.27 7.37 27.43
N THR A 213 -22.99 7.67 26.15
CA THR A 213 -21.65 7.50 25.56
C THR A 213 -20.86 8.81 25.37
N TRP A 214 -21.41 9.95 25.80
CA TRP A 214 -20.79 11.23 25.52
C TRP A 214 -19.49 11.43 26.30
N TRP A 215 -19.37 10.80 27.47
CA TRP A 215 -18.36 11.21 28.46
C TRP A 215 -17.39 10.03 28.71
N GLU A 216 -17.04 9.76 29.97
CA GLU A 216 -16.22 8.59 30.31
C GLU A 216 -16.77 7.34 29.63
N GLU A 217 -15.89 6.52 29.12
CA GLU A 217 -16.28 5.25 28.49
C GLU A 217 -15.29 4.23 28.90
N SER A 218 -15.79 3.05 29.18
CA SER A 218 -14.97 2.01 29.73
C SER A 218 -14.89 0.84 28.78
N PHE A 219 -13.69 0.32 28.56
CA PHE A 219 -13.52 -0.87 27.76
C PHE A 219 -12.14 -1.43 28.01
N GLY A 220 -12.08 -2.74 28.17
CA GLY A 220 -10.85 -3.49 28.12
C GLY A 220 -9.96 -3.19 29.30
N GLY A 221 -10.56 -3.03 30.48
CA GLY A 221 -9.82 -2.68 31.67
C GLY A 221 -9.39 -1.20 31.74
N ASN A 222 -9.92 -0.35 30.86
CA ASN A 222 -9.50 1.04 30.86
C ASN A 222 -10.70 1.93 30.76
N THR A 223 -10.59 3.09 31.40
CA THR A 223 -11.53 4.16 31.29
C THR A 223 -10.92 5.39 30.59
N ASP A 224 -11.50 5.71 29.43
CA ASP A 224 -11.21 6.89 28.68
C ASP A 224 -11.88 8.06 29.39
N SER A 225 -11.08 8.97 29.92
CA SER A 225 -11.60 10.17 30.58
C SER A 225 -12.32 11.13 29.65
N LYS A 226 -12.04 11.05 28.35
CA LYS A 226 -12.85 11.79 27.35
C LYS A 226 -12.98 13.29 27.66
N PRO A 227 -11.85 13.98 27.80
CA PRO A 227 -11.90 15.37 28.25
C PRO A 227 -12.67 16.35 27.35
N ARG A 228 -12.75 16.08 26.04
CA ARG A 228 -13.46 17.00 25.12
C ARG A 228 -14.95 16.71 24.96
N GLY A 229 -15.41 15.59 25.49
CA GLY A 229 -16.70 15.02 25.06
C GLY A 229 -16.77 14.56 23.61
N PRO A 230 -18.00 14.43 23.08
CA PRO A 230 -18.32 14.11 21.70
C PRO A 230 -17.72 15.11 20.74
N GLU A 231 -17.09 14.61 19.69
CA GLU A 231 -16.49 15.44 18.66
C GLU A 231 -16.31 14.72 17.30
N SER A 232 -17.08 13.66 17.06
CA SER A 232 -16.93 12.90 15.82
C SER A 232 -17.35 13.71 14.58
N VAL A 233 -16.77 13.35 13.44
CA VAL A 233 -17.17 13.88 12.16
C VAL A 233 -17.60 12.73 11.27
N GLY A 234 -18.72 12.90 10.59
CA GLY A 234 -19.19 11.92 9.61
C GLY A 234 -19.89 12.51 8.41
N LEU A 235 -19.98 11.72 7.35
CA LEU A 235 -20.60 12.14 6.11
C LEU A 235 -21.01 10.93 5.28
N ASP A 236 -22.13 11.05 4.56
CA ASP A 236 -22.47 10.08 3.54
C ASP A 236 -21.90 10.50 2.20
N ILE A 237 -21.27 9.52 1.54
CA ILE A 237 -20.70 9.71 0.22
C ILE A 237 -21.30 8.61 -0.69
N SER A 238 -22.06 9.05 -1.68
CA SER A 238 -22.74 8.18 -2.60
C SER A 238 -21.94 8.12 -3.91
N PHE A 239 -21.80 6.91 -4.48
CA PHE A 239 -21.13 6.71 -5.74
C PHE A 239 -22.18 6.27 -6.71
N VAL A 240 -22.58 7.19 -7.59
CA VAL A 240 -23.86 7.13 -8.27
C VAL A 240 -23.66 6.27 -9.48
N GLY A 241 -24.46 5.22 -9.58
CA GLY A 241 -24.32 4.25 -10.65
C GLY A 241 -23.09 3.34 -10.50
N TYR A 242 -22.50 3.25 -9.33
CA TYR A 242 -21.35 2.34 -9.13
C TYR A 242 -21.80 1.20 -8.26
N GLU A 243 -21.49 -0.04 -8.68
CA GLU A 243 -21.79 -1.24 -7.91
C GLU A 243 -20.60 -1.82 -7.20
N HIS A 244 -19.39 -1.34 -7.47
CA HIS A 244 -18.20 -1.92 -6.87
C HIS A 244 -17.39 -0.82 -6.29
N VAL A 245 -16.97 -0.99 -5.03
CA VAL A 245 -15.97 -0.09 -4.40
C VAL A 245 -14.79 -0.89 -3.82
N PHE A 246 -13.65 -0.20 -3.69
CA PHE A 246 -12.37 -0.82 -3.47
C PHE A 246 -11.54 0.07 -2.56
N GLY A 247 -10.67 -0.53 -1.77
CA GLY A 247 -9.67 0.22 -1.04
C GLY A 247 -9.80 0.01 0.46
N ILE A 248 -9.64 1.10 1.20
CA ILE A 248 -9.56 1.12 2.68
C ILE A 248 -8.89 -0.08 3.33
N PRO A 249 -7.75 -0.53 2.78
CA PRO A 249 -6.99 -1.51 3.49
C PRO A 249 -6.58 -0.99 4.89
N SER A 250 -6.13 -1.86 5.79
CA SER A 250 -5.93 -3.28 5.57
C SER A 250 -7.08 -4.04 6.22
N HIS A 251 -7.68 -4.97 5.47
CA HIS A 251 -8.68 -5.90 6.02
C HIS A 251 -8.57 -7.28 5.37
N ALA A 252 -8.89 -8.32 6.14
CA ALA A 252 -9.07 -9.68 5.59
C ALA A 252 -10.41 -9.78 4.87
N SER A 253 -10.42 -9.28 3.63
CA SER A 253 -11.63 -9.03 2.91
C SER A 253 -11.36 -9.12 1.40
N PRO A 254 -12.41 -9.31 0.62
CA PRO A 254 -12.19 -9.22 -0.81
C PRO A 254 -11.80 -7.84 -1.25
N LEU A 255 -11.26 -7.75 -2.44
CA LEU A 255 -10.79 -6.51 -3.01
C LEU A 255 -12.02 -5.62 -3.31
N SER A 256 -13.06 -6.20 -3.91
CA SER A 256 -14.35 -5.53 -4.00
C SER A 256 -15.01 -5.59 -2.64
N LEU A 257 -15.20 -4.45 -2.00
CA LEU A 257 -15.59 -4.43 -0.62
C LEU A 257 -17.04 -4.86 -0.48
N LYS A 258 -17.37 -5.40 0.68
CA LYS A 258 -18.72 -5.88 0.92
C LYS A 258 -19.57 -4.84 1.61
N GLN A 259 -20.87 -5.02 1.50
CA GLN A 259 -21.83 -4.35 2.35
C GLN A 259 -21.67 -4.73 3.82
N THR A 260 -22.12 -3.82 4.67
CA THR A 260 -21.89 -3.83 6.09
C THR A 260 -23.15 -3.73 6.92
N ARG A 261 -24.32 -3.63 6.27
CA ARG A 261 -25.60 -3.57 6.96
C ARG A 261 -26.44 -4.83 6.84
N GLY A 262 -25.82 -5.98 6.75
CA GLY A 262 -26.58 -7.23 6.73
C GLY A 262 -26.91 -7.64 5.31
N GLY A 263 -27.52 -8.82 5.18
CA GLY A 263 -27.64 -9.52 3.92
C GLY A 263 -26.70 -10.70 3.76
N GLU A 264 -27.11 -11.63 2.92
CA GLU A 264 -26.39 -12.87 2.73
C GLU A 264 -25.04 -12.58 2.05
N GLY A 265 -23.99 -13.18 2.60
CA GLY A 265 -22.62 -12.89 2.20
C GLY A 265 -22.16 -11.47 2.45
N ASN A 266 -22.84 -10.71 3.31
CA ASN A 266 -22.39 -9.36 3.69
C ASN A 266 -21.98 -9.30 5.16
N TYR A 267 -21.36 -8.21 5.57
CA TYR A 267 -21.02 -8.05 6.95
C TYR A 267 -22.15 -7.31 7.64
N ASN A 268 -22.13 -7.31 8.99
CA ASN A 268 -23.10 -6.58 9.82
C ASN A 268 -22.51 -5.40 10.55
N GLU A 269 -21.20 -5.22 10.45
CA GLU A 269 -20.50 -4.14 11.11
C GLU A 269 -19.83 -3.29 10.03
N PRO A 270 -19.60 -1.99 10.29
CA PRO A 270 -18.80 -1.24 9.30
C PRO A 270 -17.37 -1.75 9.25
N TYR A 271 -16.71 -1.53 8.12
CA TYR A 271 -15.28 -1.63 8.06
C TYR A 271 -14.65 -0.70 9.07
N ARG A 272 -13.63 -1.16 9.79
CA ARG A 272 -12.98 -0.34 10.81
C ARG A 272 -11.53 -0.12 10.48
N MET A 273 -11.09 1.12 10.71
CA MET A 273 -9.70 1.48 10.68
C MET A 273 -9.24 2.02 12.04
N TYR A 274 -8.61 1.14 12.80
CA TYR A 274 -8.02 1.49 14.06
C TYR A 274 -6.79 0.66 14.33
N ASN A 275 -5.64 1.10 13.84
CA ASN A 275 -4.49 0.23 13.77
C ASN A 275 -4.31 -0.52 15.06
N ALA A 276 -4.25 -1.84 15.03
CA ALA A 276 -4.28 -2.63 16.23
C ALA A 276 -3.53 -3.95 16.05
N ASP A 277 -3.07 -4.52 17.17
CA ASP A 277 -2.34 -5.76 17.16
C ASP A 277 -3.35 -6.88 17.32
N VAL A 278 -3.78 -7.47 16.21
CA VAL A 278 -4.88 -8.43 16.19
C VAL A 278 -4.37 -9.88 16.06
N PHE A 279 -4.12 -10.49 17.21
CA PHE A 279 -3.62 -11.85 17.31
C PHE A 279 -4.57 -12.84 16.65
N GLU A 280 -4.08 -13.64 15.72
CA GLU A 280 -4.92 -14.67 15.06
C GLU A 280 -6.15 -14.03 14.43
N TYR A 281 -5.93 -12.99 13.68
CA TYR A 281 -7.03 -12.33 12.95
C TYR A 281 -7.70 -13.32 11.99
N ILE A 282 -9.01 -13.24 11.95
CA ILE A 282 -9.84 -14.15 11.15
C ILE A 282 -10.00 -13.69 9.70
N LEU A 283 -10.41 -14.61 8.85
CA LEU A 283 -10.70 -14.31 7.48
C LEU A 283 -12.05 -13.67 7.34
N ASP A 284 -12.23 -12.94 6.23
CA ASP A 284 -13.53 -12.48 5.82
C ASP A 284 -14.22 -11.65 6.89
N SER A 285 -13.62 -10.53 7.23
CA SER A 285 -14.09 -9.74 8.37
C SER A 285 -13.81 -8.28 8.11
N PRO A 286 -14.75 -7.40 8.50
CA PRO A 286 -14.51 -5.97 8.53
C PRO A 286 -13.71 -5.42 9.75
N MET A 287 -13.27 -6.29 10.64
CA MET A 287 -12.45 -5.85 11.79
C MET A 287 -11.14 -5.24 11.31
N THR A 288 -10.68 -4.25 12.07
CA THR A 288 -9.45 -3.57 11.79
C THR A 288 -8.30 -4.55 11.91
N LEU A 289 -7.24 -4.29 11.13
CA LEU A 289 -5.95 -4.92 11.33
C LEU A 289 -4.94 -3.85 11.71
N TYR A 290 -3.70 -3.94 11.20
CA TYR A 290 -2.54 -3.23 11.76
C TYR A 290 -2.33 -1.83 11.15
N GLY A 291 -2.87 -1.59 9.95
CA GLY A 291 -2.62 -0.37 9.21
C GLY A 291 -3.89 0.09 8.51
N SER A 292 -3.98 1.37 8.13
CA SER A 292 -5.18 1.97 7.57
C SER A 292 -4.85 3.02 6.55
N ILE A 293 -5.51 2.94 5.39
CA ILE A 293 -5.42 3.94 4.36
C ILE A 293 -6.82 4.28 3.90
N PRO A 294 -7.34 5.43 4.35
CA PRO A 294 -8.73 5.75 4.12
C PRO A 294 -9.02 6.36 2.74
N PHE A 295 -8.76 5.55 1.70
CA PHE A 295 -8.85 5.88 0.31
C PHE A 295 -9.74 4.81 -0.33
N MET A 296 -10.87 5.24 -0.91
CA MET A 296 -11.81 4.33 -1.53
C MET A 296 -12.03 4.79 -2.97
N GLN A 297 -12.12 3.83 -3.89
CA GLN A 297 -12.41 4.05 -5.29
C GLN A 297 -13.66 3.29 -5.70
N ALA A 298 -14.36 3.83 -6.68
CA ALA A 298 -15.45 3.14 -7.31
C ALA A 298 -15.21 3.05 -8.78
N HIS A 299 -15.53 1.89 -9.34
CA HIS A 299 -15.21 1.51 -10.69
C HIS A 299 -16.43 0.86 -11.33
N ARG A 300 -16.68 1.25 -12.56
CA ARG A 300 -17.52 0.52 -13.43
C ARG A 300 -16.90 0.60 -14.82
N LYS A 301 -17.57 -0.04 -15.76
CA LYS A 301 -17.11 -0.03 -17.13
C LYS A 301 -16.80 1.39 -17.57
N ASP A 302 -15.53 1.64 -17.92
CA ASP A 302 -15.08 2.94 -18.49
C ASP A 302 -15.42 4.18 -17.66
N SER A 303 -15.64 3.99 -16.36
CA SER A 303 -15.69 5.13 -15.47
C SER A 303 -15.19 4.80 -14.06
N SER A 304 -14.37 5.70 -13.51
CA SER A 304 -13.76 5.57 -12.17
C SER A 304 -13.78 6.90 -11.40
N VAL A 305 -14.07 6.84 -10.10
CA VAL A 305 -13.94 8.00 -9.21
C VAL A 305 -13.36 7.54 -7.87
N GLY A 306 -13.08 8.47 -6.97
CA GLY A 306 -12.58 8.06 -5.64
C GLY A 306 -12.55 9.18 -4.61
N ILE A 307 -12.40 8.80 -3.35
CA ILE A 307 -12.23 9.75 -2.32
C ILE A 307 -11.16 9.34 -1.37
N PHE A 308 -10.53 10.34 -0.77
CA PHE A 308 -9.57 10.16 0.30
C PHE A 308 -9.98 11.02 1.52
N TRP A 309 -10.26 10.31 2.61
CA TRP A 309 -10.81 10.81 3.85
C TRP A 309 -9.61 10.99 4.73
N LEU A 310 -9.07 12.20 4.72
CA LEU A 310 -7.84 12.53 5.41
C LEU A 310 -8.10 12.78 6.90
N ASN A 311 -8.08 11.69 7.68
CA ASN A 311 -8.38 11.71 9.11
C ASN A 311 -7.56 10.63 9.79
N ALA A 312 -6.87 11.00 10.87
CA ALA A 312 -5.98 10.09 11.57
C ALA A 312 -6.58 9.40 12.76
N ALA A 313 -7.83 9.72 13.05
CA ALA A 313 -8.59 9.10 14.16
C ALA A 313 -9.25 7.78 13.80
N GLU A 314 -9.64 7.04 14.83
CA GLU A 314 -10.49 5.87 14.61
C GLU A 314 -11.59 6.20 13.60
N THR A 315 -11.70 5.37 12.57
CA THR A 315 -12.60 5.63 11.44
C THR A 315 -13.36 4.34 11.07
N TRP A 316 -14.67 4.48 10.83
CA TRP A 316 -15.54 3.38 10.41
C TRP A 316 -16.18 3.75 9.10
N VAL A 317 -16.42 2.77 8.23
CA VAL A 317 -17.11 3.00 6.96
C VAL A 317 -18.19 1.94 6.74
N ASP A 318 -19.43 2.37 6.67
CA ASP A 318 -20.54 1.52 6.31
C ASP A 318 -20.73 1.62 4.78
N ILE A 319 -21.20 0.52 4.17
CA ILE A 319 -21.40 0.45 2.72
C ILE A 319 -22.70 -0.28 2.49
N THR A 320 -23.60 0.30 1.71
CA THR A 320 -24.79 -0.43 1.23
C THR A 320 -24.91 -0.17 -0.25
N LYS A 321 -25.64 -1.05 -0.93
CA LYS A 321 -25.85 -0.90 -2.36
C LYS A 321 -27.32 -1.16 -2.63
N GLY A 322 -27.85 -0.44 -3.61
CA GLY A 322 -29.22 -0.66 -4.03
C GLY A 322 -29.63 0.43 -4.99
N LYS A 323 -30.93 0.47 -5.27
CA LYS A 323 -31.50 1.52 -6.10
C LYS A 323 -31.44 2.85 -5.38
N ASP A 324 -31.70 3.90 -6.12
CA ASP A 324 -31.53 5.26 -5.68
C ASP A 324 -32.71 5.76 -4.82
N SER A 325 -33.82 5.04 -4.84
CA SER A 325 -34.96 5.36 -3.99
C SER A 325 -34.67 5.17 -2.49
N LYS A 326 -35.44 5.84 -1.64
CA LYS A 326 -35.23 5.76 -0.20
C LYS A 326 -35.40 4.32 0.40
N ASN A 327 -36.42 3.58 -0.05
CA ASN A 327 -36.40 2.10 -0.04
C ASN A 327 -35.64 1.51 -1.26
N PRO A 328 -34.44 0.98 -1.06
CA PRO A 328 -33.62 0.63 -2.20
C PRO A 328 -34.02 -0.67 -2.86
N LEU A 329 -35.07 -1.30 -2.32
CA LEU A 329 -35.67 -2.44 -2.96
C LEU A 329 -37.07 -2.12 -3.54
N ALA A 330 -37.37 -0.84 -3.72
CA ALA A 330 -38.70 -0.45 -4.15
C ALA A 330 -38.93 -0.91 -5.59
N LEU A 331 -40.19 -1.13 -5.92
CA LEU A 331 -40.61 -1.23 -7.31
C LEU A 331 -40.96 0.16 -7.86
N GLY A 332 -41.05 0.25 -9.19
CA GLY A 332 -41.62 1.43 -9.84
C GLY A 332 -40.53 2.46 -10.10
N VAL A 333 -39.28 2.06 -9.83
CA VAL A 333 -38.15 2.91 -10.07
C VAL A 333 -37.13 2.22 -10.96
N LYS A 334 -36.29 3.06 -11.54
CA LYS A 334 -35.12 2.68 -12.30
C LYS A 334 -34.20 1.74 -11.49
N SER A 335 -33.65 0.73 -12.14
CA SER A 335 -32.84 -0.30 -11.50
C SER A 335 -31.36 0.09 -11.24
N LYS A 336 -30.86 1.19 -11.79
CA LYS A 336 -29.43 1.55 -11.61
C LYS A 336 -29.03 1.52 -10.12
N ILE A 337 -27.96 0.81 -9.81
CA ILE A 337 -27.44 0.72 -8.44
C ILE A 337 -26.55 1.94 -8.08
N THR A 338 -26.75 2.47 -6.90
CA THR A 338 -25.82 3.42 -6.32
C THR A 338 -25.23 2.79 -5.05
N THR A 339 -23.91 2.97 -4.85
CA THR A 339 -23.29 2.53 -3.60
C THR A 339 -23.26 3.66 -2.61
N ARG A 340 -23.86 3.42 -1.45
CA ARG A 340 -23.92 4.43 -0.36
C ARG A 340 -22.86 4.09 0.64
N THR A 341 -21.99 5.05 0.97
CA THR A 341 -21.03 4.80 2.01
C THR A 341 -21.11 5.86 3.08
N HIS A 342 -20.80 5.46 4.28
CA HIS A 342 -20.97 6.37 5.38
C HIS A 342 -19.75 6.30 6.24
N TRP A 343 -19.00 7.39 6.25
CA TRP A 343 -17.70 7.49 6.89
C TRP A 343 -17.90 8.28 8.17
N PHE A 344 -17.29 7.84 9.27
CA PHE A 344 -17.17 8.66 10.45
C PHE A 344 -15.90 8.36 11.25
N SER A 345 -15.30 9.43 11.74
CA SER A 345 -14.08 9.36 12.53
C SER A 345 -14.27 10.04 13.88
N GLU A 346 -13.45 9.67 14.87
CA GLU A 346 -13.70 10.05 16.27
C GLU A 346 -13.51 11.55 16.58
N SER A 347 -12.53 12.17 15.92
CA SER A 347 -12.22 13.58 16.12
C SER A 347 -11.54 14.10 14.87
N GLY A 348 -11.11 15.36 14.93
CA GLY A 348 -10.37 15.98 13.84
C GLY A 348 -11.27 16.75 12.91
N LEU A 349 -10.72 17.18 11.78
CA LEU A 349 -11.51 17.89 10.76
C LEU A 349 -12.20 16.87 9.91
N LEU A 350 -13.31 17.26 9.30
CA LEU A 350 -13.83 16.55 8.18
C LEU A 350 -13.04 17.10 7.01
N ASP A 351 -12.40 16.22 6.28
CA ASP A 351 -11.37 16.60 5.33
C ASP A 351 -11.26 15.51 4.24
N VAL A 352 -11.71 15.83 3.04
CA VAL A 352 -11.90 14.81 2.02
C VAL A 352 -11.52 15.33 0.64
N PHE A 353 -10.76 14.50 -0.08
CA PHE A 353 -10.42 14.79 -1.45
C PHE A 353 -11.27 13.96 -2.35
N VAL A 354 -11.59 14.51 -3.52
CA VAL A 354 -12.47 13.88 -4.47
C VAL A 354 -11.80 13.76 -5.83
N PHE A 355 -11.71 12.54 -6.32
CA PHE A 355 -11.01 12.26 -7.57
C PHE A 355 -11.99 11.83 -8.66
N LEU A 356 -11.94 12.42 -9.84
CA LEU A 356 -12.94 12.12 -10.85
C LEU A 356 -12.39 11.33 -12.05
N GLY A 357 -11.12 11.02 -12.04
CA GLY A 357 -10.60 9.98 -12.90
C GLY A 357 -10.37 10.53 -14.29
N PRO A 358 -10.81 9.82 -15.32
CA PRO A 358 -11.85 8.79 -15.30
C PRO A 358 -11.33 7.35 -15.35
N THR A 359 -10.02 7.10 -15.33
CA THR A 359 -9.53 5.72 -15.22
C THR A 359 -8.96 5.42 -13.84
N PRO A 360 -8.84 4.13 -13.51
CA PRO A 360 -8.19 3.79 -12.25
C PRO A 360 -6.77 4.31 -12.18
N LYS A 361 -6.02 4.15 -13.26
CA LYS A 361 -4.70 4.73 -13.34
C LYS A 361 -4.68 6.24 -12.98
N ASP A 362 -5.61 7.00 -13.53
CA ASP A 362 -5.69 8.44 -13.26
C ASP A 362 -5.82 8.69 -11.75
N ILE A 363 -6.71 7.94 -11.11
CA ILE A 363 -7.10 8.20 -9.74
C ILE A 363 -5.94 7.95 -8.80
N ILE A 364 -5.31 6.79 -8.99
CA ILE A 364 -4.22 6.36 -8.14
C ILE A 364 -3.02 7.26 -8.37
N SER A 365 -2.81 7.67 -9.60
CA SER A 365 -1.77 8.65 -9.90
C SER A 365 -1.95 10.04 -9.18
N LYS A 366 -3.18 10.53 -9.13
CA LYS A 366 -3.53 11.74 -8.40
C LYS A 366 -3.40 11.57 -6.89
N TYR A 367 -3.76 10.41 -6.37
CA TYR A 367 -3.63 10.14 -4.95
C TYR A 367 -2.16 10.19 -4.57
N ALA A 368 -1.34 9.63 -5.44
CA ALA A 368 0.08 9.51 -5.13
C ALA A 368 0.78 10.86 -5.22
N GLU A 369 0.31 11.73 -6.11
CA GLU A 369 0.80 13.10 -6.17
C GLU A 369 0.56 13.82 -4.86
N LEU A 370 -0.64 13.60 -4.30
CA LEU A 370 -1.00 14.11 -2.97
C LEU A 370 -0.19 13.49 -1.85
N THR A 371 -0.13 12.16 -1.79
CA THR A 371 0.43 11.49 -0.60
C THR A 371 1.80 10.89 -0.79
N GLY A 372 2.30 10.94 -2.02
CA GLY A 372 3.62 10.42 -2.31
C GLY A 372 3.57 9.10 -3.08
N THR A 373 4.61 8.89 -3.86
CA THR A 373 4.85 7.65 -4.56
C THR A 373 5.68 6.72 -3.76
N THR A 374 5.80 5.50 -4.25
CA THR A 374 6.66 4.50 -3.61
C THR A 374 8.12 4.99 -3.69
N ALA A 375 8.80 4.94 -2.55
CA ALA A 375 10.22 5.25 -2.47
C ALA A 375 11.00 4.26 -3.30
N MET A 376 12.06 4.75 -3.97
CA MET A 376 13.02 3.89 -4.63
C MET A 376 13.59 2.93 -3.59
N PRO A 377 13.42 1.62 -3.82
CA PRO A 377 13.84 0.65 -2.83
C PRO A 377 15.33 0.30 -2.96
N GLN A 378 15.91 -0.19 -1.88
CA GLN A 378 17.09 -1.00 -1.96
C GLN A 378 16.83 -2.15 -2.91
N GLU A 379 17.62 -2.28 -3.95
CA GLU A 379 17.43 -3.37 -4.88
C GLU A 379 17.35 -4.71 -4.16
N PHE A 380 18.16 -4.94 -3.13
CA PHE A 380 18.20 -6.27 -2.52
C PHE A 380 16.87 -6.64 -1.89
N SER A 381 16.09 -5.62 -1.52
CA SER A 381 14.90 -5.88 -0.75
C SER A 381 13.82 -6.48 -1.63
N LEU A 382 14.02 -6.52 -2.95
CA LEU A 382 13.15 -7.30 -3.83
C LEU A 382 13.49 -8.77 -3.92
N GLY A 383 14.56 -9.17 -3.25
CA GLY A 383 14.90 -10.58 -3.18
C GLY A 383 14.12 -11.32 -2.13
N TYR A 384 14.55 -12.55 -1.86
CA TYR A 384 13.84 -13.41 -0.95
C TYR A 384 14.39 -13.18 0.43
N HIS A 385 13.51 -12.94 1.40
CA HIS A 385 13.90 -12.71 2.76
C HIS A 385 13.58 -13.92 3.60
N GLN A 386 14.54 -14.31 4.45
CA GLN A 386 14.39 -15.49 5.29
C GLN A 386 14.38 -15.12 6.78
N CYS A 387 13.30 -15.49 7.45
CA CYS A 387 13.01 -14.99 8.78
C CYS A 387 12.32 -16.06 9.60
N ARG A 388 12.55 -16.01 10.91
CA ARG A 388 11.64 -16.60 11.87
C ARG A 388 11.83 -15.96 13.23
N TRP A 389 10.92 -16.31 14.12
CA TRP A 389 11.06 -16.02 15.53
C TRP A 389 11.50 -17.33 16.18
N ASN A 390 12.82 -17.55 16.39
CA ASN A 390 13.94 -16.61 16.14
C ASN A 390 15.07 -17.49 15.61
N TYR A 391 15.99 -16.92 14.84
CA TYR A 391 17.33 -17.48 14.79
C TYR A 391 18.03 -17.16 16.11
N VAL A 392 18.62 -18.18 16.73
CA VAL A 392 18.89 -18.14 18.18
C VAL A 392 20.34 -17.74 18.50
N SER A 393 21.23 -17.78 17.53
CA SER A 393 22.61 -17.37 17.73
C SER A 393 23.21 -16.89 16.45
N ASP A 394 24.39 -16.30 16.51
CA ASP A 394 25.14 -15.98 15.29
C ASP A 394 25.61 -17.23 14.56
N GLU A 395 25.79 -18.33 15.27
CA GLU A 395 26.04 -19.63 14.64
C GLU A 395 24.83 -20.22 13.92
N ASP A 396 23.63 -19.96 14.42
CA ASP A 396 22.40 -20.38 13.74
C ASP A 396 22.27 -19.64 12.39
N VAL A 397 22.40 -18.31 12.42
CA VAL A 397 22.38 -17.49 11.22
C VAL A 397 23.38 -18.04 10.22
N LYS A 398 24.63 -18.21 10.64
CA LYS A 398 25.69 -18.64 9.72
C LYS A 398 25.43 -20.01 9.16
N ASP A 399 24.86 -20.90 9.94
CA ASP A 399 24.54 -22.21 9.42
C ASP A 399 23.40 -22.22 8.40
N VAL A 400 22.38 -21.39 8.61
CA VAL A 400 21.29 -21.25 7.62
C VAL A 400 21.78 -20.71 6.28
N ASP A 401 22.57 -19.64 6.31
CA ASP A 401 23.25 -19.10 5.15
C ASP A 401 23.97 -20.17 4.31
N ARG A 402 24.72 -21.03 4.98
CA ARG A 402 25.45 -22.09 4.28
C ARG A 402 24.51 -23.15 3.77
N LYS A 403 23.48 -23.49 4.53
CA LYS A 403 22.52 -24.47 4.03
C LYS A 403 21.75 -24.00 2.78
N MET A 404 21.38 -22.74 2.74
CA MET A 404 20.63 -22.24 1.58
C MET A 404 21.52 -22.39 0.33
N ASP A 405 22.77 -21.99 0.45
CA ASP A 405 23.75 -22.19 -0.65
C ASP A 405 23.95 -23.67 -1.00
N LYS A 406 24.00 -24.54 0.01
CA LYS A 406 24.10 -25.98 -0.25
C LYS A 406 22.93 -26.52 -1.09
N PHE A 407 21.71 -26.05 -0.83
CA PHE A 407 20.54 -26.55 -1.58
C PHE A 407 20.15 -25.67 -2.76
N ASN A 408 21.05 -24.78 -3.15
CA ASN A 408 20.88 -23.92 -4.31
C ASN A 408 19.57 -23.15 -4.23
N MET A 409 19.33 -22.61 -3.06
CA MET A 409 18.18 -21.77 -2.84
C MET A 409 18.67 -20.35 -2.61
N PRO A 410 18.56 -19.51 -3.63
CA PRO A 410 19.07 -18.15 -3.48
C PRO A 410 18.23 -17.33 -2.50
N TYR A 411 18.87 -16.36 -1.84
CA TYR A 411 18.18 -15.42 -0.99
C TYR A 411 19.06 -14.21 -0.73
N ASP A 412 18.44 -13.12 -0.27
CA ASP A 412 19.14 -11.85 -0.12
C ASP A 412 19.34 -11.40 1.32
N VAL A 413 18.46 -11.82 2.24
CA VAL A 413 18.44 -11.21 3.58
C VAL A 413 18.07 -12.29 4.58
N ILE A 414 18.74 -12.29 5.73
CA ILE A 414 18.33 -13.14 6.83
C ILE A 414 17.99 -12.21 7.96
N TRP A 415 16.95 -12.54 8.72
CA TRP A 415 16.23 -11.59 9.57
C TRP A 415 16.42 -12.01 11.02
N LEU A 416 16.67 -11.03 11.92
CA LEU A 416 16.67 -11.31 13.35
C LEU A 416 15.49 -10.68 14.09
N ASP A 417 14.69 -11.56 14.68
CA ASP A 417 13.63 -11.15 15.57
C ASP A 417 14.13 -10.92 17.04
N ILE A 418 13.20 -10.63 17.93
CA ILE A 418 13.46 -9.94 19.22
C ILE A 418 14.43 -10.65 20.18
N GLU A 419 14.57 -11.97 20.06
CA GLU A 419 15.47 -12.75 20.95
C GLU A 419 16.96 -12.41 20.75
N TYR A 420 17.30 -11.65 19.73
CA TYR A 420 18.68 -11.21 19.53
C TYR A 420 19.07 -10.13 20.54
N THR A 421 18.09 -9.44 21.13
CA THR A 421 18.37 -8.33 22.02
C THR A 421 18.84 -8.83 23.39
N ASP A 422 19.40 -7.91 24.18
CA ASP A 422 19.64 -8.20 25.60
C ASP A 422 18.38 -7.94 26.40
N GLU A 423 17.67 -9.02 26.73
CA GLU A 423 16.44 -8.94 27.54
C GLU A 423 15.48 -7.84 27.04
N LYS A 424 15.28 -7.79 25.72
CA LYS A 424 14.31 -6.92 25.05
C LYS A 424 14.62 -5.43 25.17
N LYS A 425 15.91 -5.13 25.37
CA LYS A 425 16.39 -3.76 25.18
C LYS A 425 16.85 -3.53 23.76
N TYR A 426 16.23 -2.58 23.07
CA TYR A 426 16.63 -2.24 21.71
C TYR A 426 17.96 -1.46 21.73
N PHE A 427 18.70 -1.59 20.64
CA PHE A 427 20.07 -1.12 20.56
C PHE A 427 21.02 -1.88 21.45
N THR A 428 20.66 -3.12 21.82
CA THR A 428 21.61 -4.05 22.40
C THR A 428 21.57 -5.39 21.71
N TRP A 429 22.52 -6.24 22.08
CA TRP A 429 22.58 -7.65 21.71
C TRP A 429 22.76 -8.53 22.93
N ASP A 430 22.17 -9.72 22.87
CA ASP A 430 22.45 -10.80 23.82
C ASP A 430 23.84 -11.31 23.55
N LYS A 431 24.75 -11.02 24.47
CA LYS A 431 26.16 -11.38 24.32
C LYS A 431 26.46 -12.89 24.48
N HIS A 432 25.65 -13.63 25.22
CA HIS A 432 25.77 -15.10 25.26
C HIS A 432 25.52 -15.70 23.92
N SER A 433 24.45 -15.29 23.26
CA SER A 433 23.98 -15.97 22.05
C SER A 433 24.53 -15.34 20.75
N PHE A 434 24.71 -14.03 20.76
CA PHE A 434 25.29 -13.33 19.62
C PHE A 434 26.68 -12.76 19.97
N LYS A 435 27.64 -13.67 20.00
CA LYS A 435 29.06 -13.39 20.30
C LYS A 435 29.62 -12.36 19.36
N ASP A 436 29.50 -12.62 18.06
CA ASP A 436 30.23 -11.85 17.06
C ASP A 436 29.29 -11.38 15.94
N PRO A 437 28.44 -10.38 16.24
CA PRO A 437 27.49 -9.85 15.26
C PRO A 437 28.16 -9.30 14.00
N ILE A 438 29.27 -8.59 14.18
CA ILE A 438 30.09 -8.13 13.06
C ILE A 438 30.59 -9.26 12.14
N GLY A 439 31.01 -10.38 12.72
CA GLY A 439 31.48 -11.52 11.92
C GLY A 439 30.34 -12.12 11.12
N MET A 440 29.21 -12.31 11.77
CA MET A 440 27.97 -12.69 11.11
C MET A 440 27.65 -11.82 9.89
N GLY A 441 27.59 -10.51 10.12
CA GLY A 441 27.49 -9.52 9.06
C GLY A 441 28.43 -9.68 7.87
N LYS A 442 29.68 -10.01 8.16
CA LYS A 442 30.70 -10.10 7.13
C LYS A 442 30.55 -11.40 6.34
N GLN A 443 30.21 -12.51 7.00
CA GLN A 443 29.95 -13.73 6.23
C GLN A 443 28.85 -13.46 5.20
N LEU A 444 27.80 -12.77 5.63
CA LEU A 444 26.71 -12.42 4.71
C LEU A 444 27.25 -11.53 3.62
N GLU A 445 28.01 -10.49 3.98
CA GLU A 445 28.60 -9.60 2.99
C GLU A 445 29.40 -10.33 1.87
N ALA A 446 29.91 -11.53 2.10
CA ALA A 446 30.61 -12.28 1.07
C ALA A 446 29.73 -12.71 -0.10
N HIS A 447 28.41 -12.78 0.09
CA HIS A 447 27.52 -12.98 -1.05
C HIS A 447 26.65 -11.76 -1.40
N GLY A 448 27.08 -10.59 -0.97
CA GLY A 448 26.25 -9.40 -1.08
C GLY A 448 24.93 -9.50 -0.35
N ARG A 449 24.84 -10.38 0.64
CA ARG A 449 23.63 -10.50 1.43
C ARG A 449 23.57 -9.50 2.58
N LYS A 450 22.40 -9.43 3.22
CA LYS A 450 22.09 -8.45 4.24
C LYS A 450 21.51 -9.09 5.46
N LEU A 451 21.48 -8.30 6.53
CA LEU A 451 20.89 -8.66 7.80
C LEU A 451 19.81 -7.67 8.15
N VAL A 452 18.65 -8.12 8.57
CA VAL A 452 17.67 -7.20 9.12
C VAL A 452 17.43 -7.53 10.57
N THR A 453 17.47 -6.50 11.41
CA THR A 453 17.16 -6.63 12.84
C THR A 453 15.93 -5.84 13.24
N ILE A 454 15.16 -6.41 14.15
CA ILE A 454 14.00 -5.73 14.69
C ILE A 454 14.31 -4.64 15.76
N ILE A 455 13.66 -3.48 15.60
CA ILE A 455 13.60 -2.45 16.60
C ILE A 455 12.14 -1.96 16.73
N ASP A 456 11.58 -2.07 17.92
CA ASP A 456 10.20 -1.71 18.19
C ASP A 456 10.19 -0.44 19.08
N PRO A 457 9.03 0.20 19.23
CA PRO A 457 9.07 1.55 19.80
C PRO A 457 8.99 1.57 21.32
N HIS A 458 8.87 0.44 21.93
CA HIS A 458 8.81 0.40 23.35
C HIS A 458 10.23 0.21 23.92
N ILE A 459 10.51 1.00 24.95
CA ILE A 459 11.87 1.10 25.48
C ILE A 459 11.77 0.63 26.93
N LYS A 460 12.42 -0.46 27.26
CA LYS A 460 12.43 -1.02 28.62
C LYS A 460 12.70 -0.02 29.78
N ASN A 461 11.83 -0.09 30.77
CA ASN A 461 11.92 0.75 31.96
C ASN A 461 12.75 0.00 32.96
N THR A 462 14.04 0.31 33.00
CA THR A 462 14.98 -0.47 33.81
C THR A 462 16.20 0.39 34.13
N ASN A 463 17.08 -0.15 34.96
CA ASN A 463 18.29 0.55 35.42
C ASN A 463 19.44 0.23 34.49
N ASN A 464 20.40 1.17 34.39
CA ASN A 464 21.66 0.96 33.66
C ASN A 464 21.40 0.79 32.15
N TYR A 465 20.52 1.63 31.61
CA TYR A 465 20.07 1.55 30.23
C TYR A 465 19.93 2.96 29.67
N PRO A 466 21.00 3.47 29.06
CA PRO A 466 21.12 4.86 28.56
C PRO A 466 19.99 5.32 27.66
N VAL A 467 19.45 4.36 26.91
CA VAL A 467 18.41 4.66 25.96
C VAL A 467 17.14 5.10 26.70
N VAL A 468 16.76 4.40 27.78
CA VAL A 468 15.61 4.89 28.55
C VAL A 468 15.86 6.24 29.29
N ASP A 469 17.06 6.39 29.85
CA ASP A 469 17.44 7.62 30.60
C ASP A 469 17.28 8.84 29.72
N GLU A 470 17.79 8.73 28.49
CA GLU A 470 17.73 9.84 27.57
C GLU A 470 16.29 10.09 27.12
N LEU A 471 15.52 9.01 26.97
CA LEU A 471 14.12 9.16 26.53
C LEU A 471 13.32 10.00 27.53
N LYS A 472 13.51 9.64 28.80
CA LYS A 472 12.89 10.35 29.94
C LYS A 472 13.45 11.75 30.09
N SER A 473 14.77 11.86 30.19
CA SER A 473 15.39 13.14 30.50
C SER A 473 15.13 14.16 29.40
N LYS A 474 15.15 13.71 28.13
CA LYS A 474 14.84 14.61 27.03
C LYS A 474 13.37 14.80 26.73
N ASP A 475 12.50 14.13 27.51
CA ASP A 475 11.05 14.32 27.40
C ASP A 475 10.54 13.87 25.99
N LEU A 476 10.86 12.63 25.64
CA LEU A 476 10.64 12.10 24.30
C LEU A 476 9.58 10.97 24.31
N ALA A 477 9.02 10.67 25.50
CA ALA A 477 8.11 9.59 25.70
C ALA A 477 6.68 10.04 25.51
N VAL A 478 5.81 9.11 25.14
CA VAL A 478 4.38 9.41 25.15
C VAL A 478 3.91 9.57 26.61
N LYS A 479 2.92 10.42 26.82
CA LYS A 479 2.42 10.82 28.10
C LYS A 479 0.96 10.37 28.33
N THR A 480 0.58 10.23 29.60
CA THR A 480 -0.79 9.96 30.02
C THR A 480 -1.57 11.22 29.91
N LYS A 481 -2.84 11.11 30.27
CA LYS A 481 -3.79 12.19 30.21
C LYS A 481 -3.50 13.38 31.11
N ASP A 482 -2.69 13.20 32.15
CA ASP A 482 -2.32 14.31 33.05
C ASP A 482 -0.87 14.76 32.87
N GLY A 483 -0.21 14.34 31.79
CA GLY A 483 1.16 14.79 31.52
C GLY A 483 2.31 13.97 32.11
N SER A 484 2.01 13.02 33.00
CA SER A 484 2.98 12.01 33.35
C SER A 484 3.41 11.21 32.13
N ILE A 485 4.59 10.63 32.24
CA ILE A 485 5.14 9.73 31.27
C ILE A 485 4.37 8.41 31.28
N PHE A 486 3.85 8.00 30.13
CA PHE A 486 3.10 6.73 30.02
C PHE A 486 3.96 5.53 30.24
N GLU A 487 3.40 4.52 30.85
CA GLU A 487 4.10 3.32 31.21
C GLU A 487 3.16 2.16 30.89
N GLY A 488 3.66 1.11 30.25
CA GLY A 488 2.90 -0.11 30.14
C GLY A 488 3.77 -1.26 29.71
N TRP A 489 3.12 -2.34 29.30
CA TRP A 489 3.77 -3.63 29.21
C TRP A 489 3.85 -4.04 27.75
N CYS A 490 5.02 -4.49 27.33
CA CYS A 490 5.21 -5.20 26.08
C CYS A 490 6.32 -6.22 26.29
N TRP A 491 7.05 -6.56 25.23
CA TRP A 491 8.07 -7.61 25.36
C TRP A 491 8.97 -7.44 26.60
N PRO A 492 9.47 -6.22 26.90
CA PRO A 492 10.47 -6.11 27.97
C PRO A 492 9.89 -6.08 29.40
N GLY A 493 8.59 -6.32 29.57
CA GLY A 493 7.90 -5.92 30.77
C GLY A 493 7.55 -4.44 30.71
N SER A 494 7.60 -3.80 31.86
CA SER A 494 7.32 -2.40 32.01
C SER A 494 8.18 -1.59 31.04
N SER A 495 7.56 -0.67 30.28
CA SER A 495 8.23 0.05 29.19
C SER A 495 7.68 1.43 29.06
N HIS A 496 8.42 2.28 28.39
CA HIS A 496 7.89 3.53 27.89
C HIS A 496 7.94 3.52 26.38
N TRP A 497 7.20 4.42 25.75
CA TRP A 497 7.09 4.47 24.30
C TRP A 497 7.64 5.78 23.78
N ILE A 498 8.54 5.72 22.78
CA ILE A 498 8.97 6.91 22.09
C ILE A 498 7.78 7.60 21.41
N ASP A 499 7.72 8.93 21.52
CA ASP A 499 6.73 9.74 20.84
C ASP A 499 7.30 10.30 19.53
N ALA A 500 7.12 9.55 18.45
CA ALA A 500 7.78 9.89 17.25
C ALA A 500 7.06 11.03 16.53
N PHE A 501 5.92 11.49 17.05
CA PHE A 501 5.34 12.76 16.59
C PHE A 501 6.26 13.97 16.86
N ASN A 502 7.15 13.82 17.84
CA ASN A 502 7.98 14.90 18.29
C ASN A 502 9.27 14.95 17.46
N PRO A 503 9.47 16.03 16.69
CA PRO A 503 10.66 16.03 15.83
C PRO A 503 11.96 15.82 16.60
N ALA A 504 12.02 16.24 17.85
CA ALA A 504 13.22 15.99 18.64
C ALA A 504 13.38 14.54 18.97
N ALA A 505 12.28 13.82 19.18
CA ALA A 505 12.38 12.35 19.33
C ALA A 505 12.93 11.70 18.05
N ARG A 506 12.54 12.21 16.90
CA ARG A 506 13.04 11.66 15.63
C ARG A 506 14.52 11.95 15.42
N GLU A 507 14.91 13.19 15.71
CA GLU A 507 16.30 13.61 15.63
C GLU A 507 17.17 12.79 16.61
N TRP A 508 16.71 12.62 17.85
CA TRP A 508 17.40 11.72 18.80
C TRP A 508 17.55 10.32 18.24
N TRP A 509 16.46 9.74 17.75
CA TRP A 509 16.44 8.33 17.29
C TRP A 509 17.53 8.10 16.20
N LYS A 510 17.66 9.04 15.29
CA LYS A 510 18.72 9.06 14.28
C LYS A 510 20.06 8.73 14.85
N GLY A 511 20.39 9.43 15.94
CA GLY A 511 21.68 9.29 16.57
C GLY A 511 21.95 7.89 17.05
N LEU A 512 20.91 7.14 17.38
CA LEU A 512 21.12 5.81 18.01
C LEU A 512 21.55 4.73 17.03
N PHE A 513 21.40 5.01 15.74
CA PHE A 513 21.65 4.03 14.68
C PHE A 513 23.01 4.17 13.96
N LYS A 514 23.78 5.25 14.23
CA LYS A 514 25.15 5.37 13.68
C LYS A 514 25.89 4.06 13.97
N TYR A 515 26.71 3.60 13.02
CA TYR A 515 27.38 2.30 13.17
C TYR A 515 28.29 2.29 14.41
N ASP A 516 28.88 3.44 14.73
CA ASP A 516 29.74 3.52 15.91
C ASP A 516 28.94 3.73 17.24
N LYS A 517 27.64 4.03 17.14
CA LYS A 517 26.75 4.01 18.30
C LYS A 517 26.00 2.70 18.52
N PHE A 518 25.40 2.16 17.46
CA PHE A 518 24.71 0.87 17.55
C PHE A 518 25.64 -0.28 17.18
N LYS A 519 26.36 -0.78 18.19
CA LYS A 519 27.49 -1.70 17.99
C LYS A 519 27.01 -3.04 17.49
N GLY A 520 27.79 -3.65 16.60
CA GLY A 520 27.42 -4.93 16.01
C GLY A 520 26.63 -4.81 14.69
N THR A 521 26.25 -3.58 14.33
CA THR A 521 25.70 -3.27 13.02
C THR A 521 26.73 -2.66 12.07
N MET A 522 26.39 -2.66 10.79
CA MET A 522 27.31 -2.24 9.75
C MET A 522 26.49 -2.06 8.45
N GLU A 523 27.16 -1.98 7.30
CA GLU A 523 26.59 -1.32 6.15
C GLU A 523 25.49 -2.20 5.49
N ASN A 524 25.52 -3.49 5.80
CA ASN A 524 24.51 -4.40 5.33
C ASN A 524 23.40 -4.74 6.38
N THR A 525 23.23 -3.90 7.39
CA THR A 525 22.26 -4.14 8.46
C THR A 525 21.10 -3.21 8.21
N PHE A 526 19.91 -3.76 8.01
CA PHE A 526 18.70 -2.91 7.93
C PHE A 526 17.65 -3.31 8.99
N ILE A 527 16.50 -2.64 8.97
CA ILE A 527 15.63 -2.55 10.14
C ILE A 527 14.18 -2.90 9.84
N TRP A 528 13.60 -3.58 10.81
CA TRP A 528 12.23 -4.01 10.83
C TRP A 528 11.58 -3.33 12.05
N ASN A 529 10.48 -2.62 11.82
CA ASN A 529 9.69 -2.04 12.88
C ASN A 529 8.37 -2.81 12.96
N ALA A 530 8.05 -3.33 14.14
CA ALA A 530 6.73 -3.90 14.46
C ALA A 530 6.21 -3.28 15.76
N MET A 531 5.02 -3.71 16.19
CA MET A 531 4.44 -3.30 17.48
C MET A 531 4.21 -1.80 17.53
N ASN A 532 4.22 -1.16 16.37
CA ASN A 532 4.10 0.29 16.28
C ASN A 532 2.68 0.83 16.06
N GLU A 533 1.68 0.03 16.41
CA GLU A 533 0.28 0.44 16.28
C GLU A 533 -0.13 1.62 17.16
N PRO A 534 0.33 1.69 18.43
CA PRO A 534 1.31 0.86 19.10
C PRO A 534 0.65 -0.33 19.76
N SER A 535 1.41 -1.38 19.94
CA SER A 535 0.96 -2.54 20.67
C SER A 535 1.33 -2.37 22.13
N VAL A 536 0.32 -2.32 23.00
CA VAL A 536 0.49 -2.43 24.45
C VAL A 536 -0.32 -3.58 25.06
N PHE A 537 0.39 -4.54 25.67
CA PHE A 537 -0.20 -5.83 26.02
C PHE A 537 -1.30 -5.67 27.06
N ASN A 538 -1.13 -4.72 27.98
CA ASN A 538 -2.12 -4.51 29.04
C ASN A 538 -3.05 -3.36 28.72
N GLY A 539 -3.07 -2.87 27.49
CA GLY A 539 -3.86 -1.67 27.16
C GLY A 539 -5.22 -2.09 26.58
N PRO A 540 -6.16 -1.14 26.47
CA PRO A 540 -7.44 -1.48 25.85
C PRO A 540 -7.28 -1.77 24.35
N GLU A 541 -7.76 -2.94 23.93
CA GLU A 541 -7.59 -3.41 22.57
C GLU A 541 -6.12 -3.46 22.21
N VAL A 542 -5.29 -3.83 23.20
CA VAL A 542 -3.87 -4.00 23.06
C VAL A 542 -3.17 -2.76 22.51
N THR A 543 -3.71 -1.58 22.80
CA THR A 543 -3.06 -0.35 22.39
C THR A 543 -3.19 0.69 23.49
N MET A 544 -2.79 1.93 23.22
CA MET A 544 -2.73 2.96 24.25
C MET A 544 -4.11 3.49 24.55
N PRO A 545 -4.29 4.02 25.75
CA PRO A 545 -5.51 4.75 26.05
C PRO A 545 -5.69 5.94 25.14
N LYS A 546 -6.94 6.26 24.85
CA LYS A 546 -7.27 7.31 23.90
C LYS A 546 -6.94 8.69 24.40
N ASP A 547 -6.82 8.81 25.72
CA ASP A 547 -6.51 10.08 26.31
C ASP A 547 -5.05 10.23 26.71
N ASN A 548 -4.16 9.31 26.31
CA ASN A 548 -2.73 9.65 26.29
C ASN A 548 -2.49 10.91 25.50
N LEU A 549 -1.36 11.56 25.79
CA LEU A 549 -1.04 12.84 25.13
C LEU A 549 0.26 12.77 24.38
N HIS A 550 0.25 13.42 23.23
CA HIS A 550 1.39 13.42 22.33
C HIS A 550 1.93 14.82 22.21
N HIS A 551 3.15 14.95 21.75
CA HIS A 551 3.70 16.22 21.29
C HIS A 551 2.70 17.09 20.53
N GLY A 552 2.66 18.37 20.89
CA GLY A 552 1.57 19.25 20.49
C GLY A 552 0.37 19.27 21.43
N ASN A 553 0.38 18.43 22.45
CA ASN A 553 -0.78 18.16 23.31
C ASN A 553 -2.03 17.65 22.59
N TRP A 554 -1.82 16.88 21.55
CA TRP A 554 -2.93 16.17 20.91
C TRP A 554 -3.25 14.94 21.69
N GLU A 555 -4.50 14.56 21.76
CA GLU A 555 -4.82 13.28 22.37
C GLU A 555 -4.45 12.13 21.44
N HIS A 556 -4.16 10.98 22.00
CA HIS A 556 -3.92 9.80 21.20
C HIS A 556 -5.09 9.50 20.24
N ARG A 557 -6.31 9.78 20.67
CA ARG A 557 -7.47 9.55 19.82
C ARG A 557 -7.38 10.35 18.53
N ASP A 558 -6.75 11.51 18.58
CA ASP A 558 -6.63 12.38 17.42
C ASP A 558 -5.73 11.76 16.34
N VAL A 559 -4.69 11.04 16.77
CA VAL A 559 -3.56 10.73 15.89
C VAL A 559 -3.22 9.25 15.79
N HIS A 560 -4.07 8.40 16.32
CA HIS A 560 -3.72 7.00 16.53
C HIS A 560 -3.25 6.35 15.23
N ASN A 561 -3.99 6.57 14.15
CA ASN A 561 -3.67 5.86 12.88
C ASN A 561 -2.43 6.36 12.19
N LEU A 562 -1.92 7.51 12.61
CA LEU A 562 -0.60 7.98 12.19
C LEU A 562 0.54 7.44 13.02
N ASN A 563 0.26 6.95 14.24
CA ASN A 563 1.38 6.59 15.11
C ASN A 563 2.46 5.71 14.45
N GLY A 564 2.04 4.65 13.80
CA GLY A 564 2.95 3.68 13.22
C GLY A 564 3.82 4.34 12.16
N MET A 565 3.21 5.16 11.34
CA MET A 565 3.93 5.87 10.31
C MET A 565 4.96 6.85 10.90
N THR A 566 4.64 7.54 11.99
CA THR A 566 5.65 8.39 12.65
C THR A 566 6.87 7.60 13.03
N PHE A 567 6.69 6.36 13.41
CA PHE A 567 7.81 5.60 13.90
C PHE A 567 8.60 5.05 12.74
N GLN A 568 7.92 4.55 11.72
CA GLN A 568 8.63 4.14 10.51
C GLN A 568 9.41 5.30 9.87
N ASN A 569 8.85 6.50 9.92
CA ASN A 569 9.53 7.69 9.45
C ASN A 569 10.83 8.00 10.19
N ALA A 570 10.76 8.01 11.51
CA ALA A 570 11.96 8.11 12.36
C ALA A 570 13.06 7.14 11.96
N THR A 571 12.72 5.87 11.83
CA THR A 571 13.65 4.83 11.46
C THR A 571 14.19 5.00 10.03
N TYR A 572 13.32 5.31 9.09
CA TYR A 572 13.73 5.62 7.73
C TYR A 572 14.83 6.70 7.70
N HIS A 573 14.59 7.83 8.36
CA HIS A 573 15.55 8.93 8.29
C HIS A 573 16.85 8.59 9.03
N ALA A 574 16.76 7.71 10.00
CA ALA A 574 17.94 7.21 10.68
C ALA A 574 18.87 6.41 9.79
N LEU A 575 18.36 5.82 8.71
CA LEU A 575 19.19 4.91 7.92
C LEU A 575 19.74 5.60 6.68
N LEU A 576 19.31 6.83 6.43
CA LEU A 576 19.85 7.60 5.33
C LEU A 576 21.35 7.74 5.42
N SER A 577 21.85 7.95 6.65
CA SER A 577 23.26 8.20 6.90
C SER A 577 23.68 7.80 8.31
N ARG A 578 24.51 6.77 8.40
CA ARG A 578 24.88 6.15 9.66
C ARG A 578 26.41 6.25 9.94
N LYS A 579 27.07 7.05 9.12
CA LYS A 579 28.46 7.45 9.27
C LYS A 579 28.71 8.64 8.30
N PRO A 580 29.81 9.37 8.51
CA PRO A 580 30.03 10.56 7.68
C PRO A 580 30.35 10.14 6.26
N GLY A 581 29.82 10.87 5.29
CA GLY A 581 29.92 10.49 3.88
C GLY A 581 28.72 9.72 3.34
N GLU A 582 28.04 8.94 4.19
CA GLU A 582 27.00 8.01 3.73
C GLU A 582 25.72 8.77 3.43
N HIS A 583 25.16 8.50 2.25
CA HIS A 583 23.82 8.96 1.90
C HIS A 583 23.27 7.84 1.04
N ARG A 584 22.23 7.18 1.51
CA ARG A 584 21.76 5.96 0.84
C ARG A 584 20.32 5.60 1.20
N ARG A 585 19.75 4.69 0.43
CA ARG A 585 18.32 4.36 0.53
C ARG A 585 18.09 3.51 1.80
N PRO A 586 17.20 3.94 2.66
CA PRO A 586 16.78 3.07 3.75
C PRO A 586 16.07 1.83 3.23
N PHE A 587 16.09 0.75 4.00
CA PHE A 587 15.04 -0.26 3.91
C PHE A 587 14.48 -0.48 5.29
N VAL A 588 13.16 -0.29 5.44
CA VAL A 588 12.44 -0.47 6.71
C VAL A 588 11.13 -1.19 6.45
N LEU A 589 10.89 -2.29 7.16
CA LEU A 589 9.63 -2.96 7.14
C LEU A 589 8.81 -2.46 8.31
N THR A 590 7.52 -2.17 8.07
CA THR A 590 6.62 -1.76 9.14
C THR A 590 5.42 -2.67 9.22
N ARG A 591 4.89 -2.81 10.43
CA ARG A 591 3.59 -3.44 10.62
C ARG A 591 2.43 -2.46 10.51
N ALA A 592 2.50 -1.37 11.26
CA ALA A 592 1.45 -0.38 11.26
C ALA A 592 1.75 0.71 10.24
N PHE A 593 0.72 1.33 9.68
CA PHE A 593 0.91 2.27 8.58
C PHE A 593 -0.28 3.16 8.37
N PHE A 594 -0.08 4.17 7.52
CA PHE A 594 -1.15 5.08 7.14
C PHE A 594 -0.94 5.51 5.71
N ALA A 595 -1.88 6.27 5.18
CA ALA A 595 -1.67 6.98 3.95
C ALA A 595 -0.32 7.70 4.00
N GLY A 596 0.55 7.44 3.03
CA GLY A 596 1.88 8.04 2.99
C GLY A 596 3.01 7.10 3.34
N SER A 597 2.69 5.99 3.98
CA SER A 597 3.75 5.07 4.36
C SER A 597 4.57 4.52 3.18
N GLN A 598 4.00 4.54 1.98
CA GLN A 598 4.72 4.16 0.76
C GLN A 598 6.05 4.88 0.57
N ARG A 599 6.15 6.09 1.12
CA ARG A 599 7.39 6.87 1.08
C ARG A 599 8.50 6.34 1.93
N LEU A 600 8.19 5.41 2.84
CA LEU A 600 9.10 5.05 3.91
C LEU A 600 9.58 3.60 3.89
N GLY A 601 8.92 2.73 3.11
CA GLY A 601 9.35 1.33 3.02
C GLY A 601 8.23 0.36 2.69
N ALA A 602 8.39 -0.85 3.20
CA ALA A 602 7.50 -1.95 2.95
C ALA A 602 6.54 -2.18 4.11
N MET A 603 5.45 -2.93 3.85
CA MET A 603 4.62 -3.51 4.90
C MET A 603 4.44 -5.00 4.68
N TRP A 604 3.93 -5.70 5.71
CA TRP A 604 3.38 -7.01 5.52
C TRP A 604 2.12 -7.10 6.31
N THR A 605 1.31 -8.12 6.00
CA THR A 605 -0.04 -8.21 6.51
C THR A 605 -0.12 -8.81 7.90
N GLY A 606 0.98 -8.96 8.60
CA GLY A 606 0.90 -9.23 10.03
C GLY A 606 0.87 -10.72 10.31
N ASP A 607 0.27 -11.06 11.45
CA ASP A 607 0.28 -12.43 11.92
C ASP A 607 -0.82 -13.28 11.25
N ASN A 608 -0.55 -13.70 10.03
CA ASN A 608 -1.42 -14.64 9.38
C ASN A 608 -1.17 -16.05 9.89
N THR A 609 -1.90 -17.01 9.36
CA THR A 609 -2.00 -18.37 9.90
C THR A 609 -1.65 -19.34 8.75
N ALA A 610 -1.03 -20.45 9.10
CA ALA A 610 -0.61 -21.44 8.13
C ALA A 610 -1.75 -22.32 7.70
N ASP A 611 -2.66 -21.79 6.89
CA ASP A 611 -3.79 -22.55 6.39
C ASP A 611 -4.15 -22.04 5.00
N TRP A 612 -4.79 -22.91 4.21
CA TRP A 612 -5.07 -22.61 2.80
C TRP A 612 -5.86 -21.32 2.63
N GLY A 613 -6.83 -21.10 3.51
CA GLY A 613 -7.68 -19.92 3.44
C GLY A 613 -6.86 -18.63 3.55
N TYR A 614 -5.82 -18.65 4.37
CA TYR A 614 -4.94 -17.50 4.51
C TYR A 614 -4.07 -17.27 3.30
N LEU A 615 -3.67 -18.35 2.64
CA LEU A 615 -2.88 -18.22 1.43
C LEU A 615 -3.74 -17.55 0.38
N LYS A 616 -4.98 -18.04 0.23
CA LYS A 616 -5.89 -17.45 -0.73
C LYS A 616 -6.15 -15.96 -0.47
N ALA A 617 -6.36 -15.62 0.79
CA ALA A 617 -6.71 -14.25 1.22
C ALA A 617 -5.58 -13.28 1.01
N SER A 618 -4.37 -13.78 0.93
CA SER A 618 -3.21 -12.91 0.87
C SER A 618 -3.23 -12.06 -0.39
N ILE A 619 -3.79 -12.61 -1.45
CA ILE A 619 -3.66 -11.99 -2.74
C ILE A 619 -4.59 -10.79 -2.85
N PRO A 620 -5.87 -10.96 -2.55
CA PRO A 620 -6.68 -9.73 -2.46
C PRO A 620 -6.12 -8.68 -1.51
N MET A 621 -5.54 -9.11 -0.39
CA MET A 621 -4.99 -8.12 0.57
C MET A 621 -3.84 -7.35 -0.05
N VAL A 622 -2.89 -8.06 -0.66
CA VAL A 622 -1.74 -7.41 -1.24
C VAL A 622 -2.15 -6.53 -2.41
N LEU A 623 -3.20 -6.92 -3.12
CA LEU A 623 -3.67 -6.09 -4.24
C LEU A 623 -4.28 -4.81 -3.73
N SER A 624 -5.01 -4.90 -2.62
CA SER A 624 -5.71 -3.76 -2.09
C SER A 624 -4.69 -2.73 -1.63
N GLN A 625 -3.54 -3.21 -1.13
CA GLN A 625 -2.44 -2.35 -0.72
C GLN A 625 -2.00 -1.48 -1.89
N GLY A 626 -1.68 -2.09 -3.01
CA GLY A 626 -1.17 -1.33 -4.13
C GLY A 626 -2.17 -0.41 -4.77
N ILE A 627 -3.44 -0.80 -4.84
CA ILE A 627 -4.41 0.11 -5.43
C ILE A 627 -4.77 1.24 -4.46
N ALA A 628 -4.36 1.11 -3.20
CA ALA A 628 -4.37 2.24 -2.27
C ALA A 628 -3.06 2.99 -2.11
N GLY A 629 -2.16 2.82 -3.07
CA GLY A 629 -0.99 3.65 -3.17
C GLY A 629 0.14 3.17 -2.28
N PHE A 630 0.09 1.93 -1.77
CA PHE A 630 1.17 1.36 -0.95
C PHE A 630 1.45 -0.09 -1.39
N PRO A 631 2.00 -0.23 -2.60
CA PRO A 631 2.20 -1.53 -3.23
C PRO A 631 3.28 -2.40 -2.61
N PHE A 632 4.24 -1.80 -1.91
CA PHE A 632 5.35 -2.58 -1.42
C PHE A 632 4.94 -3.48 -0.24
N ALA A 633 4.43 -4.66 -0.53
CA ALA A 633 3.51 -5.35 0.39
C ALA A 633 3.63 -6.86 0.21
N GLY A 634 3.33 -7.58 1.28
CA GLY A 634 3.34 -9.04 1.25
C GLY A 634 2.73 -9.65 2.49
N ALA A 635 2.67 -10.97 2.53
CA ALA A 635 2.23 -11.71 3.69
C ALA A 635 3.32 -12.71 4.03
N ASP A 636 3.32 -13.20 5.27
CA ASP A 636 4.35 -14.16 5.68
C ASP A 636 4.17 -15.47 4.91
N VAL A 637 5.18 -15.79 4.13
CA VAL A 637 5.19 -17.00 3.37
C VAL A 637 5.27 -18.25 4.30
N GLY A 638 4.30 -19.13 4.12
CA GLY A 638 4.11 -20.30 4.98
C GLY A 638 3.01 -20.08 5.99
N GLY A 639 2.66 -18.80 6.21
CA GLY A 639 1.80 -18.36 7.30
C GLY A 639 2.56 -18.31 8.61
N PHE A 640 2.30 -17.30 9.42
CA PHE A 640 3.06 -17.08 10.65
C PHE A 640 2.72 -18.13 11.74
N PHE A 641 1.46 -18.23 12.16
CA PHE A 641 1.06 -19.20 13.18
C PHE A 641 0.90 -20.61 12.63
N GLY A 642 1.44 -21.60 13.37
CA GLY A 642 1.24 -23.02 13.09
C GLY A 642 2.23 -23.60 12.07
N ASN A 643 1.93 -24.81 11.60
CA ASN A 643 2.80 -25.62 10.74
C ASN A 643 2.13 -25.96 9.40
N PRO A 644 2.64 -25.39 8.30
CA PRO A 644 1.95 -25.65 7.06
C PRO A 644 2.28 -27.03 6.60
N ASP A 645 1.32 -27.77 6.06
CA ASP A 645 1.66 -28.95 5.28
C ASP A 645 2.67 -28.61 4.16
N LYS A 646 3.30 -29.63 3.61
CA LYS A 646 4.43 -29.40 2.75
C LYS A 646 3.90 -28.92 1.42
N ASP A 647 2.72 -29.40 1.04
CA ASP A 647 2.11 -28.88 -0.19
C ASP A 647 1.63 -27.43 -0.05
N LEU A 648 1.08 -27.08 1.10
CA LEU A 648 0.72 -25.70 1.40
C LEU A 648 1.92 -24.78 1.28
N LEU A 649 3.04 -25.21 1.85
CA LEU A 649 4.22 -24.35 1.94
C LEU A 649 4.77 -24.16 0.57
N THR A 650 4.71 -25.22 -0.22
CA THR A 650 5.19 -25.18 -1.59
C THR A 650 4.32 -24.23 -2.45
N ARG A 651 3.01 -24.38 -2.36
CA ARG A 651 2.12 -23.42 -2.98
C ARG A 651 2.36 -21.99 -2.50
N TRP A 652 2.71 -21.84 -1.23
CA TRP A 652 2.89 -20.50 -0.67
C TRP A 652 4.12 -19.82 -1.28
N TYR A 653 5.19 -20.59 -1.51
CA TYR A 653 6.32 -20.05 -2.27
C TYR A 653 5.87 -19.62 -3.67
N GLN A 654 5.00 -20.40 -4.30
CA GLN A 654 4.57 -20.08 -5.68
C GLN A 654 3.71 -18.83 -5.78
N THR A 655 2.97 -18.53 -4.74
CA THR A 655 2.32 -17.24 -4.58
C THR A 655 3.28 -16.13 -4.12
N GLY A 656 4.11 -16.45 -3.15
CA GLY A 656 4.97 -15.45 -2.52
C GLY A 656 5.93 -14.74 -3.44
N ILE A 657 6.42 -15.45 -4.44
CA ILE A 657 7.28 -14.88 -5.48
C ILE A 657 6.61 -13.77 -6.32
N PHE A 658 5.29 -13.62 -6.17
CA PHE A 658 4.59 -12.49 -6.71
C PHE A 658 4.15 -11.42 -5.69
N TYR A 659 4.53 -11.55 -4.43
CA TYR A 659 4.37 -10.43 -3.52
C TYR A 659 5.50 -9.47 -3.79
N PRO A 660 5.19 -8.18 -3.89
CA PRO A 660 6.32 -7.25 -3.98
C PRO A 660 7.29 -7.34 -2.81
N PHE A 661 6.79 -7.60 -1.61
CA PHE A 661 7.66 -7.91 -0.49
C PHE A 661 7.53 -9.37 -0.12
N PHE A 662 8.62 -10.10 -0.30
CA PHE A 662 8.59 -11.55 -0.32
C PHE A 662 9.45 -12.10 0.82
N ARG A 663 8.79 -12.49 1.92
CA ARG A 663 9.46 -12.98 3.09
C ARG A 663 8.77 -14.20 3.66
N ALA A 664 9.59 -15.17 4.06
CA ALA A 664 9.16 -16.30 4.86
C ALA A 664 9.35 -15.97 6.33
N HIS A 665 8.38 -16.31 7.16
CA HIS A 665 8.44 -15.95 8.59
C HIS A 665 7.61 -16.98 9.34
N ALA A 666 7.86 -17.15 10.63
CA ALA A 666 7.26 -18.21 11.41
C ALA A 666 7.26 -17.88 12.89
N HIS A 667 6.15 -18.20 13.54
CA HIS A 667 5.93 -17.95 14.97
C HIS A 667 6.85 -18.87 15.81
N ILE A 668 7.02 -18.51 17.10
CA ILE A 668 8.03 -19.13 17.95
C ILE A 668 7.74 -20.58 18.26
N ASP A 669 6.47 -20.93 18.32
CA ASP A 669 6.05 -22.31 18.54
C ASP A 669 6.04 -23.17 17.26
N ALA A 670 6.31 -22.56 16.10
CA ALA A 670 6.29 -23.31 14.86
C ALA A 670 7.62 -23.99 14.64
N ARG A 671 7.58 -25.21 14.08
CA ARG A 671 8.80 -25.90 13.65
C ARG A 671 9.63 -25.08 12.69
N ARG A 672 10.93 -25.32 12.71
CA ARG A 672 11.82 -24.83 11.71
C ARG A 672 11.31 -25.25 10.34
N ARG A 673 11.25 -24.30 9.43
CA ARG A 673 10.83 -24.63 8.06
C ARG A 673 11.49 -23.73 7.02
N GLU A 674 12.73 -23.32 7.28
CA GLU A 674 13.71 -23.04 6.23
C GLU A 674 13.48 -24.04 5.11
N PRO A 675 13.46 -23.55 3.86
CA PRO A 675 12.84 -24.28 2.79
C PRO A 675 13.59 -25.56 2.37
N TYR A 676 14.90 -25.60 2.57
CA TYR A 676 15.68 -26.87 2.41
C TYR A 676 15.22 -28.03 3.32
N LEU A 677 14.49 -27.75 4.39
CA LEU A 677 13.96 -28.80 5.30
C LEU A 677 12.69 -29.46 4.83
N THR A 678 12.11 -29.01 3.73
CA THR A 678 10.81 -29.51 3.33
C THR A 678 10.90 -30.97 2.82
N GLY A 679 11.99 -31.29 2.16
CA GLY A 679 12.08 -32.61 1.50
C GLY A 679 11.70 -32.57 0.03
N GLU A 680 12.16 -33.58 -0.71
CA GLU A 680 11.74 -33.79 -2.10
C GLU A 680 10.37 -34.41 -2.16
N PRO A 681 9.59 -34.11 -3.21
CA PRO A 681 9.94 -33.24 -4.33
C PRO A 681 9.73 -31.71 -4.05
N TYR A 682 9.30 -31.35 -2.83
CA TYR A 682 9.01 -29.96 -2.49
C TYR A 682 10.22 -29.04 -2.62
N ASN A 683 11.37 -29.49 -2.14
CA ASN A 683 12.59 -28.72 -2.28
C ASN A 683 12.82 -28.24 -3.69
N THR A 684 12.60 -29.13 -4.66
CA THR A 684 12.97 -28.86 -6.04
C THR A 684 12.00 -27.81 -6.59
N ILE A 685 10.74 -27.92 -6.21
CA ILE A 685 9.70 -27.02 -6.69
C ILE A 685 9.86 -25.61 -6.09
N ILE A 686 10.12 -25.57 -4.79
CA ILE A 686 10.37 -24.32 -4.11
C ILE A 686 11.59 -23.64 -4.67
N ALA A 687 12.65 -24.39 -4.93
CA ALA A 687 13.86 -23.81 -5.56
C ALA A 687 13.55 -23.24 -6.93
N ALA A 688 12.68 -23.91 -7.64
CA ALA A 688 12.30 -23.36 -8.93
C ALA A 688 11.46 -22.05 -8.79
N ALA A 689 10.58 -21.96 -7.80
CA ALA A 689 9.89 -20.72 -7.56
C ALA A 689 10.87 -19.59 -7.30
N LEU A 690 11.84 -19.83 -6.40
CA LEU A 690 12.87 -18.86 -6.09
C LEU A 690 13.63 -18.42 -7.34
N ARG A 691 14.07 -19.38 -8.14
CA ARG A 691 14.80 -19.04 -9.34
C ARG A 691 13.98 -18.17 -10.29
N LEU A 692 12.66 -18.39 -10.36
CA LEU A 692 11.79 -17.59 -11.21
C LEU A 692 11.72 -16.16 -10.72
N ARG A 693 11.51 -16.00 -9.42
CA ARG A 693 11.56 -14.66 -8.83
C ARG A 693 12.86 -13.94 -9.18
N TYR A 694 13.99 -14.64 -9.01
CA TYR A 694 15.27 -13.99 -9.25
C TYR A 694 15.47 -13.70 -10.71
N SER A 695 15.00 -14.58 -11.58
CA SER A 695 15.19 -14.32 -13.02
C SER A 695 14.41 -13.10 -13.45
N LEU A 696 13.24 -12.87 -12.83
CA LEU A 696 12.44 -11.71 -13.16
C LEU A 696 12.81 -10.45 -12.41
N LEU A 697 13.80 -10.50 -11.53
CA LEU A 697 14.15 -9.31 -10.75
C LEU A 697 14.29 -8.01 -11.56
N PRO A 698 14.88 -8.07 -12.77
CA PRO A 698 14.91 -6.87 -13.68
C PRO A 698 13.55 -6.23 -14.01
N SER A 699 12.54 -7.07 -14.22
CA SER A 699 11.21 -6.60 -14.41
C SER A 699 10.54 -6.18 -13.10
N TRP A 700 10.82 -6.85 -12.00
CA TRP A 700 10.28 -6.39 -10.70
C TRP A 700 10.79 -4.99 -10.41
N TYR A 701 12.08 -4.82 -10.59
CA TYR A 701 12.73 -3.57 -10.20
C TYR A 701 12.15 -2.47 -11.04
N THR A 702 11.94 -2.75 -12.31
CA THR A 702 11.33 -1.77 -13.20
C THR A 702 9.91 -1.41 -12.76
N ALA A 703 9.16 -2.40 -12.30
CA ALA A 703 7.80 -2.16 -11.82
C ALA A 703 7.81 -1.24 -10.59
N PHE A 704 8.79 -1.45 -9.70
CA PHE A 704 8.99 -0.56 -8.57
C PHE A 704 9.38 0.81 -9.07
N ARG A 705 10.22 0.89 -10.11
CA ARG A 705 10.52 2.22 -10.69
C ARG A 705 9.24 2.99 -11.04
N HIS A 706 8.28 2.33 -11.69
CA HIS A 706 7.07 3.03 -12.11
C HIS A 706 6.21 3.40 -10.93
N ALA A 707 6.24 2.57 -9.89
CA ALA A 707 5.55 2.91 -8.68
C ALA A 707 6.18 4.19 -8.12
N HIS A 708 7.50 4.32 -8.26
CA HIS A 708 8.17 5.53 -7.79
C HIS A 708 7.82 6.71 -8.65
N LEU A 709 7.75 6.54 -9.95
CA LEU A 709 7.53 7.68 -10.86
C LEU A 709 6.12 8.27 -10.77
N ASP A 710 5.10 7.44 -10.69
CA ASP A 710 3.73 7.96 -10.65
C ASP A 710 2.74 7.15 -9.83
N GLY A 711 3.21 6.29 -8.94
CA GLY A 711 2.31 5.54 -8.09
C GLY A 711 1.55 4.42 -8.81
N THR A 712 2.06 3.96 -9.94
CA THR A 712 1.53 2.78 -10.58
C THR A 712 1.69 1.56 -9.63
N PRO A 713 0.62 0.78 -9.41
CA PRO A 713 0.81 -0.44 -8.61
C PRO A 713 1.81 -1.40 -9.23
N ILE A 714 2.45 -2.20 -8.38
CA ILE A 714 3.46 -3.14 -8.78
C ILE A 714 2.84 -4.43 -9.33
N ILE A 715 1.85 -5.00 -8.62
CA ILE A 715 0.96 -5.94 -9.25
C ILE A 715 -0.42 -5.30 -9.33
N LYS A 716 -1.13 -5.64 -10.40
CA LYS A 716 -2.24 -4.87 -10.86
C LYS A 716 -3.45 -5.77 -11.03
N PRO A 717 -4.56 -5.42 -10.41
CA PRO A 717 -5.80 -6.16 -10.63
C PRO A 717 -6.49 -5.87 -11.95
N MET A 718 -7.44 -6.72 -12.32
CA MET A 718 -8.10 -6.60 -13.63
C MET A 718 -8.83 -5.28 -13.84
N PHE A 719 -9.40 -4.73 -12.78
CA PHE A 719 -10.14 -3.49 -12.93
C PHE A 719 -9.22 -2.38 -13.33
N TYR A 720 -7.93 -2.49 -13.00
CA TYR A 720 -6.94 -1.47 -13.29
C TYR A 720 -6.41 -1.60 -14.72
N THR A 721 -6.10 -2.81 -15.16
CA THR A 721 -5.49 -3.04 -16.45
C THR A 721 -6.54 -3.02 -17.56
N HIS A 722 -7.76 -3.37 -17.21
CA HIS A 722 -8.85 -3.53 -18.15
C HIS A 722 -10.13 -2.85 -17.67
N PRO A 723 -10.10 -1.50 -17.61
CA PRO A 723 -11.22 -0.72 -17.15
C PRO A 723 -12.47 -0.82 -18.04
N SER A 724 -12.31 -1.21 -19.30
CA SER A 724 -13.47 -1.44 -20.14
C SER A 724 -14.15 -2.82 -19.99
N GLU A 725 -13.62 -3.72 -19.15
CA GLU A 725 -14.15 -5.09 -19.09
C GLU A 725 -14.82 -5.30 -17.74
N GLU A 726 -16.13 -5.09 -17.72
CA GLU A 726 -16.96 -5.15 -16.53
C GLU A 726 -16.82 -6.45 -15.74
N ALA A 727 -16.69 -7.56 -16.45
CA ALA A 727 -16.52 -8.88 -15.80
C ALA A 727 -15.27 -8.92 -14.91
N GLY A 728 -14.30 -8.07 -15.19
CA GLY A 728 -13.13 -7.93 -14.34
C GLY A 728 -13.27 -7.36 -12.94
N LEU A 729 -14.37 -6.66 -12.69
CA LEU A 729 -14.50 -5.84 -11.49
C LEU A 729 -14.32 -6.62 -10.17
N PRO A 730 -15.00 -7.75 -9.98
CA PRO A 730 -14.86 -8.51 -8.74
C PRO A 730 -13.68 -9.51 -8.71
N ILE A 731 -12.80 -9.49 -9.70
CA ILE A 731 -11.78 -10.50 -9.76
C ILE A 731 -10.56 -10.03 -8.96
N ASP A 732 -10.11 -10.87 -8.02
CA ASP A 732 -9.04 -10.52 -7.09
C ASP A 732 -8.11 -11.69 -6.81
N ASP A 733 -8.08 -12.68 -7.72
CA ASP A 733 -7.24 -13.83 -7.53
C ASP A 733 -6.24 -14.00 -8.67
N GLN A 734 -6.14 -13.00 -9.54
CA GLN A 734 -5.16 -12.98 -10.58
C GLN A 734 -4.74 -11.54 -10.85
N PHE A 735 -3.60 -11.35 -11.48
CA PHE A 735 -3.01 -10.03 -11.60
C PHE A 735 -1.88 -9.96 -12.61
N PHE A 736 -1.62 -8.75 -13.10
CA PHE A 736 -0.56 -8.48 -14.02
C PHE A 736 0.66 -7.97 -13.28
N ILE A 737 1.85 -8.31 -13.76
CA ILE A 737 3.05 -7.92 -13.06
C ILE A 737 3.60 -6.72 -13.77
N GLY A 738 3.57 -5.60 -13.07
CA GLY A 738 4.22 -4.41 -13.53
C GLY A 738 3.80 -4.05 -14.93
N ASN A 739 4.80 -3.81 -15.76
CA ASN A 739 4.59 -3.53 -17.17
C ASN A 739 4.73 -4.73 -18.15
N THR A 740 4.84 -5.92 -17.65
CA THR A 740 5.40 -7.00 -18.43
C THR A 740 4.36 -7.68 -19.30
N GLY A 741 3.09 -7.45 -19.04
CA GLY A 741 2.02 -8.28 -19.56
C GLY A 741 1.95 -9.67 -18.99
N LEU A 742 2.69 -9.96 -17.94
CA LEU A 742 2.61 -11.28 -17.33
C LEU A 742 1.39 -11.36 -16.46
N LEU A 743 0.58 -12.38 -16.66
CA LEU A 743 -0.62 -12.52 -15.92
C LEU A 743 -0.50 -13.78 -15.12
N ALA A 744 -0.55 -13.65 -13.79
CA ALA A 744 -0.39 -14.78 -12.86
C ALA A 744 -1.71 -15.12 -12.17
N LYS A 745 -1.91 -16.41 -11.96
CA LYS A 745 -2.98 -16.89 -11.14
C LYS A 745 -2.46 -18.09 -10.35
N PRO A 746 -1.90 -17.85 -9.17
CA PRO A 746 -1.36 -18.90 -8.33
C PRO A 746 -2.44 -19.81 -7.81
N VAL A 747 -2.08 -21.08 -7.64
CA VAL A 747 -3.02 -22.04 -7.09
C VAL A 747 -2.98 -21.85 -5.58
N THR A 748 -4.15 -21.68 -5.00
CA THR A 748 -4.27 -21.44 -3.55
C THR A 748 -5.31 -22.37 -2.89
N ASP A 749 -5.68 -23.47 -3.57
CA ASP A 749 -6.57 -24.51 -2.99
C ASP A 749 -5.86 -25.86 -2.84
N LYS A 750 -6.16 -26.49 -1.72
CA LYS A 750 -5.62 -27.80 -1.37
C LYS A 750 -5.99 -28.84 -2.42
N ASP A 751 -5.00 -29.58 -2.91
CA ASP A 751 -5.20 -30.69 -3.87
C ASP A 751 -5.80 -30.23 -5.22
N ARG A 752 -5.71 -28.94 -5.55
CA ARG A 752 -6.10 -28.46 -6.89
C ARG A 752 -5.00 -28.85 -7.84
N THR A 753 -5.36 -29.41 -9.00
CA THR A 753 -4.36 -29.72 -10.03
C THR A 753 -4.68 -29.05 -11.38
N SER A 754 -5.57 -28.07 -11.35
CA SER A 754 -5.72 -27.16 -12.46
C SER A 754 -6.32 -25.87 -12.00
N VAL A 755 -6.37 -24.91 -12.92
CA VAL A 755 -6.80 -23.56 -12.60
C VAL A 755 -7.51 -22.92 -13.76
N ASP A 756 -8.53 -22.14 -13.45
CA ASP A 756 -9.35 -21.51 -14.44
C ASP A 756 -8.89 -20.04 -14.39
N ILE A 757 -8.33 -19.54 -15.49
CA ILE A 757 -7.85 -18.17 -15.55
C ILE A 757 -8.84 -17.40 -16.41
N TRP A 758 -9.31 -16.28 -15.89
CA TRP A 758 -10.07 -15.35 -16.69
C TRP A 758 -9.20 -14.58 -17.67
N ILE A 759 -9.48 -14.75 -18.96
CA ILE A 759 -8.75 -14.08 -20.02
C ILE A 759 -9.48 -12.76 -20.34
N PRO A 760 -8.80 -11.63 -20.11
CA PRO A 760 -9.49 -10.33 -20.00
C PRO A 760 -9.97 -9.75 -21.32
N ASP A 761 -9.35 -10.13 -22.43
CA ASP A 761 -9.57 -9.46 -23.69
C ASP A 761 -9.27 -10.42 -24.82
N SER A 762 -9.14 -9.88 -26.04
CA SER A 762 -9.06 -10.71 -27.25
C SER A 762 -7.63 -10.96 -27.68
N GLU A 763 -6.67 -10.45 -26.93
CA GLU A 763 -5.27 -10.56 -27.30
C GLU A 763 -4.84 -12.02 -27.12
N VAL A 764 -3.70 -12.39 -27.71
CA VAL A 764 -3.18 -13.74 -27.54
C VAL A 764 -2.41 -13.82 -26.24
N TYR A 765 -2.64 -14.90 -25.49
CA TYR A 765 -2.00 -15.19 -24.21
C TYR A 765 -1.25 -16.50 -24.33
N TYR A 766 0.04 -16.48 -23.99
CA TYR A 766 0.88 -17.68 -24.02
C TYR A 766 1.32 -18.23 -22.64
N ASP A 767 1.47 -19.53 -22.51
CA ASP A 767 2.08 -20.09 -21.31
C ASP A 767 3.56 -19.67 -21.22
N TYR A 768 3.95 -19.10 -20.09
CA TYR A 768 5.33 -18.58 -19.91
C TYR A 768 6.36 -19.66 -20.06
N PHE A 769 5.98 -20.90 -19.72
CA PHE A 769 6.93 -21.98 -19.67
C PHE A 769 6.99 -22.80 -20.97
N THR A 770 5.86 -23.02 -21.64
CA THR A 770 5.82 -23.92 -22.81
C THR A 770 5.51 -23.17 -24.08
N TYR A 771 5.02 -21.94 -23.95
CA TYR A 771 4.48 -21.14 -25.03
C TYR A 771 3.25 -21.71 -25.70
N ASP A 772 2.55 -22.64 -25.07
CA ASP A 772 1.21 -22.99 -25.51
C ASP A 772 0.32 -21.76 -25.56
N ILE A 773 -0.50 -21.73 -26.60
CA ILE A 773 -1.45 -20.68 -26.80
C ILE A 773 -2.67 -21.02 -25.96
N ILE A 774 -2.93 -20.21 -24.95
CA ILE A 774 -4.01 -20.49 -23.99
C ILE A 774 -5.33 -19.94 -24.53
N SER A 775 -5.29 -18.68 -24.96
CA SER A 775 -6.37 -18.05 -25.72
C SER A 775 -5.73 -17.22 -26.82
N ALA A 776 -6.39 -17.22 -27.97
CA ALA A 776 -6.47 -16.07 -28.84
C ALA A 776 -7.95 -15.59 -29.02
N ALA A 777 -8.11 -14.31 -29.40
CA ALA A 777 -9.26 -13.79 -30.15
C ALA A 777 -10.53 -13.42 -29.32
N LYS A 778 -10.62 -13.84 -28.05
CA LYS A 778 -11.90 -13.77 -27.28
C LYS A 778 -11.70 -13.88 -25.75
N SER A 779 -12.13 -12.85 -25.03
CA SER A 779 -12.35 -12.95 -23.59
C SER A 779 -13.27 -14.10 -23.15
N LYS A 780 -12.87 -14.81 -22.07
CA LYS A 780 -13.33 -16.17 -21.76
C LYS A 780 -12.64 -16.68 -20.46
N THR A 781 -13.09 -17.81 -19.95
CA THR A 781 -12.36 -18.50 -18.91
C THR A 781 -11.65 -19.73 -19.45
N ALA A 782 -10.34 -19.80 -19.24
CA ALA A 782 -9.54 -20.86 -19.84
C ALA A 782 -9.06 -21.75 -18.69
N THR A 783 -9.00 -23.04 -18.97
CA THR A 783 -8.67 -24.03 -17.96
C THR A 783 -7.23 -24.43 -18.23
N LEU A 784 -6.42 -24.47 -17.20
CA LEU A 784 -4.98 -24.65 -17.34
C LEU A 784 -4.47 -25.71 -16.34
N ASP A 785 -3.80 -26.74 -16.85
CA ASP A 785 -3.15 -27.76 -16.02
C ASP A 785 -2.25 -27.09 -14.96
N ALA A 786 -2.40 -27.54 -13.71
CA ALA A 786 -1.65 -26.92 -12.61
C ALA A 786 -1.39 -27.91 -11.48
N PRO A 787 -0.60 -28.95 -11.75
CA PRO A 787 -0.13 -29.77 -10.62
C PRO A 787 0.81 -28.98 -9.70
N LEU A 788 1.23 -29.62 -8.61
CA LEU A 788 2.05 -28.98 -7.60
C LEU A 788 3.29 -28.28 -8.13
N GLU A 789 3.96 -28.93 -9.10
CA GLU A 789 5.14 -28.37 -9.72
C GLU A 789 4.86 -27.25 -10.73
N LYS A 790 3.61 -26.87 -10.94
CA LYS A 790 3.32 -25.80 -11.90
C LYS A 790 2.99 -24.43 -11.26
N ILE A 791 3.64 -23.38 -11.75
CA ILE A 791 3.18 -21.98 -11.54
C ILE A 791 2.43 -21.43 -12.73
N PRO A 792 1.13 -21.09 -12.53
CA PRO A 792 0.34 -20.67 -13.70
C PRO A 792 0.59 -19.20 -14.03
N LEU A 793 1.21 -18.95 -15.19
CA LEU A 793 1.75 -17.68 -15.53
C LEU A 793 1.65 -17.55 -17.03
N LEU A 794 0.99 -16.50 -17.50
CA LEU A 794 0.74 -16.31 -18.93
C LEU A 794 1.40 -15.02 -19.41
N MET A 795 1.71 -14.99 -20.69
CA MET A 795 2.34 -13.86 -21.30
C MET A 795 1.37 -13.29 -22.31
N ARG A 796 1.00 -12.04 -22.10
CA ARG A 796 0.06 -11.35 -22.95
C ARG A 796 0.81 -10.82 -24.17
N GLY A 797 0.22 -10.99 -25.34
CA GLY A 797 0.75 -10.42 -26.58
C GLY A 797 0.78 -8.90 -26.52
N GLY A 798 1.81 -8.32 -27.13
CA GLY A 798 1.96 -6.86 -27.15
C GLY A 798 2.97 -6.31 -26.16
N HIS A 799 3.77 -7.17 -25.51
CA HIS A 799 4.64 -6.73 -24.46
C HIS A 799 6.06 -7.24 -24.65
N VAL A 800 7.02 -6.46 -24.16
CA VAL A 800 8.41 -6.88 -24.04
C VAL A 800 8.79 -6.79 -22.57
N PHE A 801 9.50 -7.80 -22.08
CA PHE A 801 10.05 -7.70 -20.74
C PHE A 801 11.42 -8.36 -20.62
N ALA A 802 12.22 -7.87 -19.67
CA ALA A 802 13.59 -8.33 -19.51
C ALA A 802 13.68 -9.31 -18.34
N ARG A 803 14.55 -10.30 -18.45
CA ARG A 803 14.89 -11.11 -17.30
C ARG A 803 16.36 -11.39 -17.29
N ARG A 804 16.88 -12.00 -16.22
CA ARG A 804 18.26 -12.54 -16.19
C ARG A 804 18.27 -14.06 -16.00
N ASP A 805 18.78 -14.79 -16.99
CA ASP A 805 18.65 -16.25 -17.03
C ASP A 805 19.68 -16.95 -16.16
N ILE A 806 20.84 -16.34 -15.97
CA ILE A 806 21.89 -17.00 -15.23
C ILE A 806 21.53 -17.03 -13.74
N PRO A 807 21.40 -18.22 -13.16
CA PRO A 807 21.14 -18.30 -11.72
C PRO A 807 22.32 -17.89 -10.83
N ARG A 808 22.04 -17.09 -9.83
CA ARG A 808 23.04 -16.66 -8.86
C ARG A 808 22.47 -16.85 -7.47
N ARG A 809 23.34 -16.67 -6.47
CA ARG A 809 23.02 -16.98 -5.08
C ARG A 809 22.32 -15.78 -4.40
N SER A 810 22.50 -14.58 -4.96
CA SER A 810 21.79 -13.41 -4.44
C SER A 810 21.64 -12.40 -5.56
N SER A 811 20.90 -11.31 -5.29
CA SER A 811 20.64 -10.32 -6.32
C SER A 811 21.88 -9.52 -6.64
N ALA A 812 22.64 -9.16 -5.61
CA ALA A 812 23.92 -8.50 -5.77
C ALA A 812 24.90 -9.22 -6.69
N LEU A 813 24.91 -10.55 -6.68
CA LEU A 813 25.80 -11.33 -7.60
C LEU A 813 25.26 -11.41 -9.07
N MET A 814 24.04 -10.93 -9.29
CA MET A 814 23.48 -10.75 -10.62
C MET A 814 23.82 -9.42 -11.25
N LYS A 815 24.28 -8.45 -10.48
CA LYS A 815 24.36 -7.04 -10.88
C LYS A 815 24.97 -6.77 -12.28
N TRP A 816 25.93 -7.59 -12.70
CA TRP A 816 26.62 -7.41 -14.00
C TRP A 816 26.36 -8.53 -15.03
N ASP A 817 25.38 -9.39 -14.77
CA ASP A 817 24.99 -10.41 -15.73
C ASP A 817 24.17 -9.86 -16.90
N PRO A 818 24.30 -10.48 -18.06
CA PRO A 818 23.55 -10.05 -19.20
C PRO A 818 22.02 -10.34 -19.07
N TYR A 819 21.22 -9.57 -19.83
CA TYR A 819 19.78 -9.66 -19.86
C TYR A 819 19.30 -10.50 -21.04
N THR A 820 18.18 -11.19 -20.86
CA THR A 820 17.40 -11.76 -21.95
C THR A 820 16.17 -10.89 -22.14
N LEU A 821 15.79 -10.55 -23.37
CA LEU A 821 14.52 -9.91 -23.62
C LEU A 821 13.51 -10.86 -24.22
N VAL A 822 12.31 -10.85 -23.68
CA VAL A 822 11.22 -11.65 -24.19
C VAL A 822 10.26 -10.70 -24.92
N VAL A 823 10.07 -10.91 -26.21
CA VAL A 823 9.17 -10.12 -27.03
C VAL A 823 7.94 -10.99 -27.29
N VAL A 824 6.79 -10.57 -26.79
CA VAL A 824 5.60 -11.40 -26.89
C VAL A 824 4.67 -10.70 -27.88
N LEU A 825 4.45 -11.34 -29.02
CA LEU A 825 3.70 -10.77 -30.11
C LEU A 825 2.30 -11.38 -30.24
N GLY A 826 1.32 -10.54 -30.51
CA GLY A 826 0.02 -11.03 -30.96
C GLY A 826 -0.12 -10.84 -32.45
N ASN A 827 -1.35 -10.70 -32.90
CA ASN A 827 -1.62 -10.59 -34.33
C ASN A 827 -1.09 -9.30 -34.95
N ASP A 828 -0.99 -8.23 -34.17
CA ASP A 828 -0.38 -6.98 -34.66
C ASP A 828 1.10 -7.09 -34.88
N ARG A 829 1.75 -8.09 -34.32
CA ARG A 829 3.23 -8.20 -34.42
C ARG A 829 3.92 -6.91 -34.00
N LYS A 830 3.47 -6.43 -32.88
CA LYS A 830 3.88 -5.17 -32.34
C LYS A 830 3.97 -5.35 -30.81
N ALA A 831 4.95 -4.75 -30.16
CA ALA A 831 5.03 -4.84 -28.72
C ALA A 831 5.81 -3.69 -28.16
N GLU A 832 5.62 -3.45 -26.87
CA GLU A 832 6.43 -2.48 -26.15
C GLU A 832 6.66 -2.96 -24.71
N GLY A 833 7.82 -2.61 -24.16
CA GLY A 833 8.08 -2.72 -22.75
C GLY A 833 9.31 -1.89 -22.37
N ASP A 834 9.82 -2.07 -21.14
CA ASP A 834 10.88 -1.21 -20.64
C ASP A 834 11.72 -1.88 -19.56
N LEU A 835 12.88 -1.29 -19.31
CA LEU A 835 13.82 -1.83 -18.33
C LEU A 835 14.56 -0.69 -17.64
N TYR A 836 14.52 -0.64 -16.31
CA TYR A 836 15.17 0.42 -15.54
C TYR A 836 16.21 -0.23 -14.67
N VAL A 837 17.43 0.30 -14.68
CA VAL A 837 18.47 -0.10 -13.72
C VAL A 837 19.28 1.06 -13.19
N ASP A 838 19.84 0.87 -12.01
CA ASP A 838 20.75 1.82 -11.38
C ASP A 838 21.52 1.07 -10.35
N ASP A 839 22.27 1.75 -9.47
CA ASP A 839 23.15 1.05 -8.52
C ASP A 839 22.40 0.36 -7.40
N GLY A 840 21.11 0.64 -7.24
CA GLY A 840 20.29 -0.07 -6.29
C GLY A 840 20.39 0.39 -4.83
N ASP A 841 21.04 1.53 -4.59
CA ASP A 841 21.52 1.88 -3.23
C ASP A 841 21.63 3.38 -2.93
N SER A 842 22.12 4.14 -3.90
CA SER A 842 22.38 5.58 -3.73
C SER A 842 21.20 6.40 -4.17
N PHE A 843 21.28 7.72 -3.98
CA PHE A 843 20.37 8.69 -4.61
C PHE A 843 20.89 9.36 -5.88
N ASP A 844 21.90 8.77 -6.50
CA ASP A 844 22.39 9.25 -7.81
C ASP A 844 21.36 9.18 -8.92
N TYR A 845 20.30 8.34 -8.75
CA TYR A 845 19.20 8.28 -9.72
C TYR A 845 18.57 9.65 -9.86
N GLU A 846 18.63 10.43 -8.78
CA GLU A 846 18.12 11.80 -8.82
C GLU A 846 18.91 12.75 -9.77
N LYS A 847 20.16 12.42 -10.06
CA LYS A 847 20.95 13.20 -11.04
C LYS A 847 21.13 12.46 -12.39
N GLY A 848 20.17 11.63 -12.77
CA GLY A 848 20.25 10.92 -14.04
C GLY A 848 21.19 9.71 -14.09
N GLN A 849 21.77 9.27 -12.99
CA GLN A 849 22.64 8.08 -13.04
C GLN A 849 21.80 6.82 -13.07
N TYR A 850 21.23 6.55 -14.23
CA TYR A 850 20.47 5.35 -14.45
C TYR A 850 20.29 5.06 -15.92
N ILE A 851 19.95 3.81 -16.18
CA ILE A 851 19.56 3.37 -17.49
C ILE A 851 18.09 3.05 -17.44
N HIS A 852 17.35 3.63 -18.38
CA HIS A 852 15.98 3.31 -18.57
C HIS A 852 15.72 3.15 -20.05
N ARG A 853 15.46 1.91 -20.46
CA ARG A 853 15.20 1.58 -21.86
C ARG A 853 13.75 1.41 -22.14
N ARG A 854 13.30 1.95 -23.26
CA ARG A 854 12.06 1.57 -23.92
C ARG A 854 12.36 0.67 -25.08
N PHE A 855 11.75 -0.52 -25.07
CA PHE A 855 11.86 -1.46 -26.17
C PHE A 855 10.56 -1.45 -26.98
N ILE A 856 10.68 -1.24 -28.29
CA ILE A 856 9.55 -1.27 -29.18
C ILE A 856 9.76 -2.28 -30.30
N PHE A 857 8.78 -3.13 -30.49
CA PHE A 857 8.77 -4.05 -31.60
C PHE A 857 7.67 -3.63 -32.56
N ASP A 858 8.07 -3.37 -33.81
CA ASP A 858 7.17 -2.94 -34.86
C ASP A 858 7.79 -3.21 -36.22
N ALA A 859 6.98 -3.71 -37.13
CA ALA A 859 7.39 -3.87 -38.55
C ALA A 859 8.74 -4.56 -38.61
N ASN A 860 8.80 -5.70 -37.93
CA ASN A 860 9.94 -6.61 -37.98
C ASN A 860 11.20 -6.08 -37.31
N THR A 861 11.06 -5.01 -36.55
CA THR A 861 12.20 -4.32 -35.96
C THR A 861 12.04 -4.17 -34.40
N LEU A 862 13.04 -4.59 -33.65
CA LEU A 862 13.15 -4.28 -32.22
C LEU A 862 14.10 -3.12 -32.02
N THR A 863 13.65 -2.08 -31.33
CA THR A 863 14.53 -0.98 -31.01
C THR A 863 14.56 -0.72 -29.51
N SER A 864 15.66 -0.12 -29.07
CA SER A 864 15.92 0.27 -27.72
C SER A 864 16.27 1.75 -27.77
N ALA A 865 15.58 2.56 -26.97
CA ALA A 865 15.85 4.00 -26.85
C ALA A 865 15.74 4.37 -25.38
N ASP A 866 16.24 5.55 -25.03
CA ASP A 866 16.10 6.04 -23.67
C ASP A 866 14.63 6.32 -23.41
N TYR A 867 14.10 5.80 -22.31
CA TYR A 867 12.67 5.87 -22.01
C TYR A 867 12.19 7.34 -22.04
N GLU A 868 13.03 8.22 -21.50
CA GLU A 868 12.73 9.66 -21.33
C GLU A 868 13.19 10.49 -22.51
N GLY A 869 13.87 9.88 -23.47
CA GLY A 869 14.37 10.61 -24.63
C GLY A 869 15.50 11.58 -24.29
N ARG A 870 16.32 11.23 -23.30
CA ARG A 870 17.54 12.00 -23.01
C ARG A 870 18.59 11.84 -24.11
N ASP A 871 19.36 12.90 -24.33
CA ASP A 871 20.54 12.85 -25.16
C ASP A 871 21.76 12.25 -24.42
N ASP A 872 22.66 11.59 -25.17
CA ASP A 872 23.62 10.63 -24.60
C ASP A 872 24.53 11.15 -23.48
N ALA A 873 25.53 11.94 -23.83
CA ALA A 873 26.15 12.84 -22.87
C ALA A 873 25.57 14.22 -23.12
N SER A 874 24.43 14.49 -22.52
CA SER A 874 24.32 15.60 -21.56
C SER A 874 24.50 15.14 -20.09
N ILE A 875 24.20 13.87 -19.81
CA ILE A 875 24.58 13.24 -18.54
C ILE A 875 26.06 12.80 -18.52
N LYS A 876 26.79 13.26 -17.51
CA LYS A 876 28.15 12.77 -17.25
C LYS A 876 28.09 11.39 -16.61
N GLU A 877 28.78 10.41 -17.18
CA GLU A 877 28.80 9.05 -16.63
C GLU A 877 29.56 8.94 -15.32
N GLY A 878 28.85 8.59 -14.25
CA GLY A 878 29.47 8.13 -13.02
C GLY A 878 29.99 6.71 -13.10
N GLU A 879 30.47 6.23 -11.97
CA GLU A 879 31.19 4.99 -11.90
C GLU A 879 30.32 3.76 -12.21
N TRP A 880 29.07 3.79 -11.72
CA TRP A 880 28.12 2.72 -11.94
C TRP A 880 27.77 2.65 -13.46
N LEU A 881 27.46 3.78 -14.08
CA LEU A 881 27.19 3.80 -15.52
C LEU A 881 28.35 3.31 -16.38
N LYS A 882 29.60 3.60 -15.96
CA LYS A 882 30.78 3.14 -16.70
C LYS A 882 30.89 1.63 -16.63
N LYS A 883 30.77 1.08 -15.43
CA LYS A 883 30.77 -0.37 -15.26
C LYS A 883 29.69 -1.05 -16.11
N MET A 884 28.54 -0.40 -16.25
CA MET A 884 27.44 -0.99 -17.03
C MET A 884 27.72 -1.12 -18.54
N ARG A 885 28.77 -0.43 -19.02
CA ARG A 885 29.24 -0.64 -20.38
C ARG A 885 29.61 -2.10 -20.72
N THR A 886 29.99 -2.89 -19.72
CA THR A 886 30.25 -4.30 -19.96
C THR A 886 29.00 -5.17 -19.93
N VAL A 887 27.84 -4.59 -19.68
CA VAL A 887 26.63 -5.38 -19.54
C VAL A 887 25.73 -5.34 -20.78
N ASN A 888 25.40 -6.51 -21.29
CA ASN A 888 24.74 -6.66 -22.57
C ASN A 888 23.35 -7.24 -22.48
N VAL A 889 22.52 -6.95 -23.47
CA VAL A 889 21.52 -7.88 -23.92
C VAL A 889 22.19 -8.95 -24.75
N GLU A 890 22.11 -10.21 -24.32
CA GLU A 890 22.70 -11.32 -25.06
C GLU A 890 21.68 -12.21 -25.76
N LYS A 891 20.40 -12.14 -25.37
CA LYS A 891 19.45 -13.09 -25.88
C LYS A 891 18.10 -12.42 -26.07
N ILE A 892 17.48 -12.69 -27.21
CA ILE A 892 16.12 -12.26 -27.50
C ILE A 892 15.30 -13.47 -27.88
N ILE A 893 14.10 -13.55 -27.29
CA ILE A 893 13.13 -14.58 -27.58
C ILE A 893 11.89 -13.87 -28.07
N VAL A 894 11.42 -14.22 -29.26
CA VAL A 894 10.20 -13.71 -29.78
C VAL A 894 9.21 -14.85 -29.76
N VAL A 895 8.14 -14.66 -29.03
CA VAL A 895 7.05 -15.61 -28.96
C VAL A 895 5.88 -15.12 -29.82
N GLY A 896 5.35 -15.99 -30.66
CA GLY A 896 4.39 -15.61 -31.72
C GLY A 896 5.10 -15.09 -32.95
N ALA A 897 6.25 -15.68 -33.23
CA ALA A 897 7.07 -15.33 -34.36
C ALA A 897 6.34 -15.53 -35.70
N PRO A 898 6.41 -14.56 -36.59
CA PRO A 898 5.69 -14.70 -37.88
C PRO A 898 6.33 -15.71 -38.83
N ALA A 899 5.48 -16.32 -39.64
CA ALA A 899 5.88 -17.42 -40.54
C ALA A 899 6.91 -17.00 -41.61
N ALA A 900 6.86 -15.74 -42.04
CA ALA A 900 7.85 -15.17 -43.00
C ALA A 900 9.32 -15.20 -42.57
N TRP A 901 9.56 -15.44 -41.27
CA TRP A 901 10.91 -15.56 -40.74
C TRP A 901 11.47 -16.99 -40.92
N LYS A 902 10.59 -17.96 -41.21
CA LYS A 902 10.99 -19.35 -41.42
C LYS A 902 12.07 -19.43 -42.50
N GLY A 903 13.15 -20.14 -42.22
CA GLY A 903 14.26 -20.26 -43.14
C GLY A 903 15.26 -19.12 -43.17
N LYS A 904 15.01 -18.04 -42.41
CA LYS A 904 16.01 -16.99 -42.27
C LYS A 904 16.89 -17.32 -41.09
N LYS A 905 18.21 -17.23 -41.25
CA LYS A 905 19.07 -17.73 -40.18
C LYS A 905 19.89 -16.65 -39.48
N THR A 906 19.76 -15.41 -39.96
CA THR A 906 20.30 -14.23 -39.26
C THR A 906 19.28 -13.11 -39.04
N VAL A 907 19.56 -12.30 -38.04
CA VAL A 907 19.06 -10.95 -37.96
C VAL A 907 20.21 -10.00 -38.11
N THR A 908 19.88 -8.76 -38.42
CA THR A 908 20.82 -7.68 -38.53
C THR A 908 20.73 -6.74 -37.32
N VAL A 909 21.83 -6.60 -36.59
CA VAL A 909 21.95 -5.78 -35.39
C VAL A 909 22.74 -4.51 -35.71
N GLU A 910 22.18 -3.35 -35.36
CA GLU A 910 22.89 -2.08 -35.38
C GLU A 910 22.94 -1.47 -33.97
N SER A 911 24.12 -1.03 -33.54
CA SER A 911 24.28 -0.29 -32.29
C SER A 911 25.58 0.50 -32.27
N GLU A 912 25.46 1.78 -31.94
CA GLU A 912 26.64 2.65 -31.70
C GLU A 912 27.51 2.71 -32.97
N GLY A 913 26.86 2.81 -34.13
CA GLY A 913 27.55 2.91 -35.42
C GLY A 913 27.92 1.59 -36.09
N LYS A 914 27.91 0.48 -35.35
CA LYS A 914 28.30 -0.80 -35.90
C LYS A 914 27.10 -1.67 -36.31
N THR A 915 27.26 -2.41 -37.41
CA THR A 915 26.22 -3.34 -37.88
C THR A 915 26.83 -4.71 -38.03
N TRP A 916 26.06 -5.72 -37.60
CA TRP A 916 26.45 -7.10 -37.78
C TRP A 916 25.28 -8.05 -37.82
N ALA A 917 25.57 -9.29 -38.17
CA ALA A 917 24.54 -10.29 -38.27
C ALA A 917 24.58 -11.15 -37.03
N ALA A 918 23.43 -11.57 -36.54
CA ALA A 918 23.41 -12.59 -35.47
C ALA A 918 22.48 -13.72 -35.83
N ALA A 919 22.84 -14.89 -35.34
CA ALA A 919 22.10 -16.12 -35.64
C ALA A 919 20.75 -16.10 -34.93
N ILE A 920 19.74 -16.53 -35.67
CA ILE A 920 18.43 -16.74 -35.13
C ILE A 920 17.99 -18.14 -35.49
N GLU A 921 17.35 -18.85 -34.56
CA GLU A 921 16.57 -20.06 -34.88
C GLU A 921 15.06 -19.85 -34.83
N TYR A 922 14.40 -20.09 -35.95
CA TYR A 922 12.95 -20.08 -36.04
C TYR A 922 12.39 -21.45 -35.73
N ASN A 923 11.46 -21.52 -34.81
CA ASN A 923 10.82 -22.79 -34.43
C ASN A 923 9.35 -22.71 -34.76
N PRO A 924 8.88 -23.54 -35.69
CA PRO A 924 7.48 -23.35 -36.12
C PRO A 924 6.50 -23.81 -35.06
N ALA A 925 5.28 -23.30 -35.16
CA ALA A 925 4.18 -23.76 -34.33
C ALA A 925 4.10 -25.27 -34.36
N GLU A 926 3.62 -25.83 -33.26
CA GLU A 926 3.57 -27.26 -33.09
C GLU A 926 2.53 -27.66 -32.02
N LYS A 927 1.43 -28.28 -32.45
CA LYS A 927 0.21 -28.48 -31.63
C LYS A 927 -0.34 -27.13 -31.18
N SER A 928 -0.54 -26.92 -29.89
CA SER A 928 -0.96 -25.59 -29.50
C SER A 928 0.21 -24.66 -29.06
N ARG A 929 1.44 -25.14 -29.25
CA ARG A 929 2.64 -24.41 -28.92
C ARG A 929 2.89 -23.40 -30.01
N ALA A 930 3.12 -22.14 -29.63
CA ALA A 930 3.34 -21.07 -30.60
C ALA A 930 4.64 -21.22 -31.37
N ALA A 931 4.67 -20.66 -32.56
CA ALA A 931 5.95 -20.41 -33.25
C ALA A 931 6.75 -19.44 -32.41
N PHE A 932 8.03 -19.68 -32.28
CA PHE A 932 8.92 -18.78 -31.58
C PHE A 932 10.31 -18.77 -32.19
N ALA A 933 11.03 -17.68 -31.94
CA ALA A 933 12.36 -17.53 -32.46
C ALA A 933 13.32 -17.02 -31.41
N VAL A 934 14.57 -17.49 -31.49
CA VAL A 934 15.60 -17.23 -30.50
C VAL A 934 16.87 -16.66 -31.16
N VAL A 935 17.27 -15.47 -30.72
CA VAL A 935 18.52 -14.89 -31.10
C VAL A 935 19.50 -15.02 -29.98
N LYS A 936 20.64 -15.64 -30.27
CA LYS A 936 21.69 -15.84 -29.26
C LYS A 936 22.84 -14.87 -29.51
N LYS A 937 23.60 -14.61 -28.47
CA LYS A 937 24.84 -13.86 -28.57
C LYS A 937 24.60 -12.57 -29.36
N VAL A 938 23.67 -11.77 -28.84
CA VAL A 938 23.29 -10.52 -29.51
C VAL A 938 24.44 -9.53 -29.34
N GLY A 939 24.97 -9.45 -28.14
CA GLY A 939 26.19 -8.70 -27.88
C GLY A 939 26.02 -7.19 -27.98
N VAL A 940 24.93 -6.64 -27.44
CA VAL A 940 24.71 -5.19 -27.45
C VAL A 940 24.61 -4.67 -26.03
N ARG A 941 25.27 -3.54 -25.80
CA ARG A 941 25.42 -3.09 -24.45
C ARG A 941 24.07 -2.46 -24.02
N VAL A 942 23.63 -2.79 -22.81
CA VAL A 942 22.26 -2.49 -22.43
C VAL A 942 21.99 -0.97 -22.38
N GLY A 943 23.03 -0.19 -22.11
CA GLY A 943 22.91 1.26 -22.03
C GLY A 943 22.88 2.02 -23.37
N ALA A 944 22.90 1.32 -24.51
CA ALA A 944 22.98 2.01 -25.84
C ALA A 944 21.77 1.78 -26.68
N ASP A 945 21.49 2.73 -27.56
CA ASP A 945 20.48 2.54 -28.59
C ASP A 945 20.83 1.31 -29.37
N PHE A 946 19.80 0.57 -29.79
CA PHE A 946 19.99 -0.43 -30.81
C PHE A 946 18.74 -0.65 -31.65
N LYS A 947 18.98 -1.26 -32.80
CA LYS A 947 17.99 -1.59 -33.79
C LYS A 947 18.30 -3.00 -34.30
N ILE A 948 17.33 -3.91 -34.19
CA ILE A 948 17.49 -5.28 -34.66
C ILE A 948 16.38 -5.63 -35.64
N VAL A 949 16.78 -5.99 -36.86
CA VAL A 949 15.87 -6.22 -37.96
C VAL A 949 15.73 -7.73 -38.23
N PHE A 950 14.51 -8.24 -38.12
CA PHE A 950 14.22 -9.66 -38.30
C PHE A 950 13.65 -9.82 -39.70
N GLY A 951 13.76 -11.03 -40.26
CA GLY A 951 13.04 -11.38 -41.49
C GLY A 951 13.87 -11.20 -42.76
C1 MAN B . 2.14 -12.99 19.37
C2 MAN B . 2.89 -12.52 18.13
C3 MAN B . 3.23 -11.02 18.04
C4 MAN B . 2.04 -10.19 18.54
C5 MAN B . 1.54 -10.67 19.93
C6 MAN B . 0.31 -9.92 20.48
O1 MAN B . 3.02 -13.33 20.41
O2 MAN B . 2.04 -12.84 17.04
O3 MAN B . 3.78 -10.77 16.83
O4 MAN B . 2.36 -8.84 18.60
O5 MAN B . 1.19 -12.03 19.87
O6 MAN B . -0.76 -9.92 19.55
C1 GLC B . 4.73 -9.76 16.55
C2 GLC B . 5.06 -9.62 15.06
C3 GLC B . 5.76 -10.87 14.51
C4 GLC B . 7.03 -11.09 15.36
C5 GLC B . 6.72 -11.09 16.86
C6 GLC B . 7.98 -11.15 17.72
O2 GLC B . 3.92 -9.32 14.33
O3 GLC B . 6.04 -10.72 13.13
O4 GLC B . 7.67 -12.33 15.03
O5 GLC B . 5.92 -10.02 17.31
O6 GLC B . 8.72 -9.96 17.59
#